data_5DK2
#
_entry.id   5DK2
#
_cell.length_a   64.857
_cell.length_b   60.565
_cell.length_c   159.448
_cell.angle_alpha   90.00
_cell.angle_beta   97.81
_cell.angle_gamma   90.00
#
_symmetry.space_group_name_H-M   'P 1 21 1'
#
loop_
_entity.id
_entity.type
_entity.pdbx_description
1 polymer 'Ig gamma-1 chain C region'
2 polymer 'Ig gamma-1 chain C region'
3 polymer 'Fc-III peptide'
4 branched beta-D-galactopyranose-(1-4)-2-acetamido-2-deoxy-beta-D-glucopyranose-(1-2)-alpha-D-mannopyranose-(1-6)-[alpha-D-mannopyranose-(1-3)]beta-D-mannopyranose-(1-4)-2-acetamido-2-deoxy-beta-D-glucopyranose-(1-4)-[alpha-L-fucopyranose-(1-6)]2-acetamido-2-deoxy-beta-D-glucopyranose
5 branched beta-D-galactopyranose-(1-4)-2-acetamido-2-deoxy-beta-D-glucopyranose-(1-2)-alpha-D-mannopyranose-(1-6)-[alpha-D-mannopyranose-(1-3)]beta-D-mannopyranose-(1-4)-2-acetamido-2-deoxy-beta-D-glucopyranose-(1-4)-2-acetamido-2-deoxy-beta-D-glucopyranose
6 water water
#
loop_
_entity_poly.entity_id
_entity_poly.type
_entity_poly.pdbx_seq_one_letter_code
_entity_poly.pdbx_strand_id
1 'polypeptide(L)'
;DKTHTCPPCPAPELLGGPSVFLFPPKPKDTLMISRTPEVTCVVVDVSHEDPEVKFNWYVDGVEVHNAKTKPREEQYNSTY
RVVSVLTVLHQDWLNGKEYKCKVSNKALPAPIEKTISKAKGQPREPQVYTLPPSRKEMTKNQVSLTCLVKGFYPSDIAVE
WESNGQPENNYKTTPPVLKSDGSFFLYSKLTVDKSRWQQGNVFSCSVMHEALHNHYTQKSLSLSPGK
;
A,D
2 'polypeptide(L)'
;HHHHHHHHSGSGSDKTHTCPPCPAPELLGGPSVFLFPPKPKDTLEASRTPEVTCVVVDVSHEDPEVKFNWYVDGVEVHNA
KTKPREEQYNSTYRVVSVLTVLHQDWLNGKEYKCKVSNKALPAPIEKTISKAKGQPREPQVYTLPPSREEMTKNQVSLTC
LVKGFYPSDIAVEWESNGQPENNYDTTPPVLDSDGSFFLYSDLTVDKSRWQQGNVFSCSVMHEALHNAYTQKSLSLSPGK
;
B,E
3 'polypeptide(L)' DCAWHLGELVWCT C
#
loop_
_chem_comp.id
_chem_comp.type
_chem_comp.name
_chem_comp.formula
BMA D-saccharide, beta linking beta-D-mannopyranose 'C6 H12 O6'
FUC L-saccharide, alpha linking alpha-L-fucopyranose 'C6 H12 O5'
GAL D-saccharide, beta linking beta-D-galactopyranose 'C6 H12 O6'
MAN D-saccharide, alpha linking alpha-D-mannopyranose 'C6 H12 O6'
NAG D-saccharide, beta linking 2-acetamido-2-deoxy-beta-D-glucopyranose 'C8 H15 N O6'
#
# COMPACT_ATOMS: atom_id res chain seq x y z
N GLY A 17 17.93 -41.01 -11.91
CA GLY A 17 17.06 -41.75 -10.94
C GLY A 17 16.10 -40.86 -10.18
N PRO A 18 16.02 -41.05 -8.85
CA PRO A 18 15.09 -40.27 -8.03
C PRO A 18 15.42 -38.79 -7.97
N SER A 19 14.39 -37.98 -7.78
CA SER A 19 14.51 -36.53 -7.54
C SER A 19 14.01 -36.24 -6.14
N VAL A 20 14.58 -35.21 -5.52
CA VAL A 20 14.22 -34.83 -4.15
C VAL A 20 13.65 -33.40 -4.11
N PHE A 21 12.50 -33.23 -3.45
CA PHE A 21 11.98 -31.89 -3.17
C PHE A 21 11.75 -31.71 -1.67
N LEU A 22 12.14 -30.54 -1.16
CA LEU A 22 12.01 -30.20 0.26
C LEU A 22 10.98 -29.09 0.44
N PHE A 23 9.96 -29.33 1.27
CA PHE A 23 8.86 -28.38 1.43
C PHE A 23 8.76 -27.85 2.86
N PRO A 24 8.47 -26.54 3.02
CA PRO A 24 8.43 -25.87 4.31
C PRO A 24 7.15 -26.22 5.08
N PRO A 25 7.05 -25.82 6.36
CA PRO A 25 5.78 -26.01 7.05
C PRO A 25 4.80 -24.92 6.64
N LYS A 26 3.52 -25.14 6.95
CA LYS A 26 2.51 -24.12 6.72
C LYS A 26 2.78 -22.90 7.62
N PRO A 27 2.51 -21.68 7.10
CA PRO A 27 2.70 -20.48 7.93
C PRO A 27 2.05 -20.57 9.31
N LYS A 28 0.75 -20.85 9.38
CA LYS A 28 0.03 -20.94 10.67
C LYS A 28 0.69 -21.93 11.65
N ASP A 29 1.16 -23.06 11.13
CA ASP A 29 1.75 -24.08 11.96
C ASP A 29 3.01 -23.60 12.67
N THR A 30 3.68 -22.63 12.07
CA THR A 30 4.90 -22.09 12.65
C THR A 30 4.58 -20.97 13.63
N LEU A 31 3.39 -20.38 13.49
CA LEU A 31 3.05 -19.18 14.22
C LEU A 31 2.23 -19.48 15.47
N MET A 32 1.42 -20.53 15.42
CA MET A 32 0.60 -20.96 16.53
C MET A 32 1.30 -22.07 17.30
N ILE A 33 1.72 -21.72 18.50
CA ILE A 33 2.33 -22.66 19.46
C ILE A 33 1.46 -23.88 19.78
N SER A 34 0.16 -23.77 19.59
CA SER A 34 -0.72 -24.92 19.77
C SER A 34 -0.80 -25.82 18.54
N ARG A 35 0.04 -25.57 17.52
CA ARG A 35 0.08 -26.40 16.29
C ARG A 35 1.48 -26.96 16.05
N THR A 36 1.57 -27.97 15.21
CA THR A 36 2.84 -28.64 14.99
C THR A 36 3.37 -28.49 13.55
N PRO A 37 4.40 -27.66 13.38
CA PRO A 37 4.99 -27.44 12.07
C PRO A 37 5.97 -28.56 11.68
N GLU A 38 6.06 -28.84 10.38
CA GLU A 38 6.93 -29.91 9.86
C GLU A 38 7.49 -29.62 8.47
N VAL A 39 8.76 -29.98 8.27
CA VAL A 39 9.37 -29.95 6.95
C VAL A 39 9.17 -31.33 6.33
N THR A 40 8.97 -31.34 5.02
CA THR A 40 8.62 -32.57 4.32
C THR A 40 9.60 -32.80 3.20
N CYS A 41 10.26 -33.95 3.25
CA CYS A 41 11.22 -34.33 2.23
C CYS A 41 10.58 -35.39 1.33
N VAL A 42 10.37 -35.01 0.07
CA VAL A 42 9.63 -35.80 -0.91
C VAL A 42 10.56 -36.36 -1.99
N VAL A 43 10.60 -37.68 -2.10
CA VAL A 43 11.43 -38.33 -3.13
C VAL A 43 10.58 -38.97 -4.25
N VAL A 44 10.76 -38.49 -5.49
CA VAL A 44 10.06 -39.05 -6.65
C VAL A 44 11.00 -39.81 -7.61
N ASP A 45 10.40 -40.63 -8.46
CA ASP A 45 11.12 -41.46 -9.45
C ASP A 45 12.02 -42.50 -8.78
N VAL A 46 11.57 -42.98 -7.62
CA VAL A 46 12.15 -44.15 -6.98
C VAL A 46 11.63 -45.35 -7.77
N SER A 47 12.52 -46.30 -8.02
CA SER A 47 12.25 -47.40 -8.94
C SER A 47 11.55 -48.55 -8.25
N HIS A 48 10.91 -49.39 -9.05
CA HIS A 48 10.32 -50.65 -8.57
C HIS A 48 11.31 -51.67 -8.06
N GLU A 49 12.56 -51.58 -8.51
CA GLU A 49 13.57 -52.58 -8.16
C GLU A 49 14.39 -52.19 -6.92
N ASP A 50 14.83 -50.94 -6.85
CA ASP A 50 15.54 -50.39 -5.69
C ASP A 50 14.63 -49.42 -4.94
N PRO A 51 13.65 -49.94 -4.18
CA PRO A 51 12.67 -49.04 -3.58
C PRO A 51 13.11 -48.51 -2.21
N GLU A 52 14.24 -49.01 -1.71
CA GLU A 52 14.76 -48.58 -0.42
C GLU A 52 15.33 -47.18 -0.52
N VAL A 53 14.93 -46.34 0.45
CA VAL A 53 15.44 -44.98 0.58
C VAL A 53 15.89 -44.76 2.02
N LYS A 54 17.04 -44.12 2.19
CA LYS A 54 17.52 -43.77 3.52
C LYS A 54 17.57 -42.26 3.67
N PHE A 55 16.87 -41.74 4.68
CA PHE A 55 16.88 -40.31 4.97
C PHE A 55 17.81 -40.03 6.13
N ASN A 56 18.59 -38.97 5.96
CA ASN A 56 19.34 -38.35 7.05
C ASN A 56 18.94 -36.89 7.14
N TRP A 57 18.59 -36.49 8.35
CA TRP A 57 18.12 -35.14 8.64
C TRP A 57 19.08 -34.39 9.53
N TYR A 58 19.37 -33.15 9.16
CA TYR A 58 20.22 -32.29 9.97
C TYR A 58 19.56 -30.94 10.22
N VAL A 59 19.77 -30.43 11.44
CA VAL A 59 19.36 -29.08 11.83
C VAL A 59 20.62 -28.27 12.06
N ASP A 60 20.84 -27.26 11.23
CA ASP A 60 22.11 -26.55 11.21
C ASP A 60 23.27 -27.53 11.33
N GLY A 61 23.32 -28.50 10.42
CA GLY A 61 24.45 -29.44 10.32
C GLY A 61 24.61 -30.44 11.45
N VAL A 62 23.67 -30.47 12.39
CA VAL A 62 23.65 -31.46 13.47
C VAL A 62 22.52 -32.47 13.22
N GLU A 63 22.87 -33.75 13.24
CA GLU A 63 21.91 -34.79 12.90
C GLU A 63 20.82 -34.96 13.95
N VAL A 64 19.58 -35.12 13.47
CA VAL A 64 18.43 -35.44 14.32
C VAL A 64 17.80 -36.78 13.89
N HIS A 65 17.06 -37.41 14.81
CA HIS A 65 16.60 -38.78 14.60
C HIS A 65 15.13 -38.96 14.83
N ASN A 66 14.36 -37.87 14.80
CA ASN A 66 12.94 -37.91 15.13
C ASN A 66 11.97 -37.95 13.92
N ALA A 67 12.50 -37.91 12.70
CA ALA A 67 11.65 -37.99 11.49
C ALA A 67 10.92 -39.35 11.33
N LYS A 68 9.78 -39.34 10.65
CA LYS A 68 8.99 -40.54 10.40
C LYS A 68 8.57 -40.60 8.94
N THR A 69 8.73 -41.77 8.34
CA THR A 69 8.39 -41.97 6.91
C THR A 69 6.90 -42.18 6.74
N LYS A 70 6.30 -41.42 5.82
CA LYS A 70 4.88 -41.60 5.46
C LYS A 70 4.76 -42.91 4.68
N PRO A 71 3.53 -43.47 4.53
CA PRO A 71 3.41 -44.71 3.76
C PRO A 71 3.78 -44.47 2.30
N ARG A 72 4.43 -45.45 1.70
CA ARG A 72 5.00 -45.27 0.37
C ARG A 72 3.89 -45.38 -0.66
N GLU A 73 3.93 -44.53 -1.69
CA GLU A 73 2.87 -44.61 -2.70
C GLU A 73 3.34 -44.82 -4.14
N GLU A 74 2.75 -45.82 -4.80
CA GLU A 74 3.06 -46.14 -6.18
C GLU A 74 2.30 -45.17 -7.10
N GLN A 75 3.01 -44.59 -8.07
CA GLN A 75 2.40 -43.70 -9.07
C GLN A 75 1.95 -44.49 -10.29
N TYR A 76 1.30 -43.80 -11.24
CA TYR A 76 0.82 -44.45 -12.46
C TYR A 76 1.90 -44.75 -13.48
N ASN A 77 2.94 -43.91 -13.51
CA ASN A 77 4.13 -44.17 -14.31
C ASN A 77 4.98 -45.25 -13.63
N SER A 78 4.34 -45.97 -12.71
CA SER A 78 4.96 -47.01 -11.87
C SER A 78 6.37 -46.72 -11.33
N THR A 79 6.46 -45.62 -10.60
CA THR A 79 7.57 -45.32 -9.72
C THR A 79 6.94 -45.18 -8.35
N TYR A 80 7.76 -45.16 -7.30
CA TYR A 80 7.27 -44.85 -5.97
C TYR A 80 7.54 -43.39 -5.57
N ARG A 81 6.64 -42.87 -4.75
CA ARG A 81 6.83 -41.60 -4.07
C ARG A 81 7.10 -41.92 -2.60
N VAL A 82 8.26 -41.50 -2.12
CA VAL A 82 8.74 -41.83 -0.77
C VAL A 82 8.93 -40.52 0.02
N VAL A 83 8.41 -40.47 1.24
CA VAL A 83 8.31 -39.20 1.98
C VAL A 83 8.70 -39.31 3.45
N SER A 84 9.61 -38.45 3.85
CA SER A 84 10.02 -38.38 5.24
C SER A 84 9.50 -37.07 5.81
N VAL A 85 8.97 -37.12 7.03
CA VAL A 85 8.46 -35.91 7.68
C VAL A 85 9.15 -35.62 9.01
N LEU A 86 9.55 -34.36 9.20
CA LEU A 86 10.29 -33.95 10.42
C LEU A 86 9.56 -32.86 11.17
N THR A 87 9.28 -33.10 12.43
CA THR A 87 8.72 -32.08 13.30
C THR A 87 9.84 -31.09 13.64
N VAL A 88 9.56 -29.82 13.41
CA VAL A 88 10.49 -28.75 13.77
C VAL A 88 9.95 -27.93 14.96
N LEU A 89 10.83 -27.21 15.65
CA LEU A 89 10.39 -26.30 16.71
C LEU A 89 10.13 -24.91 16.15
N HIS A 90 8.97 -24.34 16.53
CA HIS A 90 8.55 -23.00 16.12
C HIS A 90 9.68 -22.01 16.11
N GLN A 91 10.42 -21.90 17.21
CA GLN A 91 11.40 -20.81 17.31
C GLN A 91 12.64 -21.09 16.49
N ASP A 92 13.03 -22.37 16.40
CA ASP A 92 14.15 -22.78 15.52
C ASP A 92 13.79 -22.34 14.10
N TRP A 93 12.58 -22.70 13.68
CA TRP A 93 12.14 -22.29 12.38
C TRP A 93 12.17 -20.81 12.29
N LEU A 94 11.52 -20.13 13.24
CA LEU A 94 11.45 -18.66 13.19
C LEU A 94 12.82 -17.98 13.29
N ASN A 95 13.73 -18.58 14.06
CA ASN A 95 15.11 -18.09 14.14
C ASN A 95 15.93 -18.40 12.89
N GLY A 96 15.31 -19.08 11.93
CA GLY A 96 15.95 -19.35 10.64
C GLY A 96 17.06 -20.40 10.61
N LYS A 97 16.97 -21.40 11.49
CA LYS A 97 17.84 -22.59 11.43
C LYS A 97 17.65 -23.30 10.09
N GLU A 98 18.71 -23.97 9.61
CA GLU A 98 18.67 -24.66 8.30
C GLU A 98 18.36 -26.13 8.52
N TYR A 99 17.39 -26.62 7.74
CA TYR A 99 17.01 -28.04 7.72
C TYR A 99 17.49 -28.71 6.45
N LYS A 100 18.23 -29.81 6.62
CA LYS A 100 18.83 -30.52 5.49
C LYS A 100 18.34 -31.96 5.39
N CYS A 101 17.81 -32.29 4.22
CA CYS A 101 17.43 -33.66 3.91
C CYS A 101 18.51 -34.35 3.07
N LYS A 102 18.99 -35.49 3.56
CA LYS A 102 19.95 -36.29 2.80
C LYS A 102 19.27 -37.59 2.41
N VAL A 103 19.22 -37.85 1.11
CA VAL A 103 18.53 -39.02 0.57
C VAL A 103 19.51 -39.97 -0.08
N SER A 104 19.50 -41.21 0.39
CA SER A 104 20.34 -42.27 -0.20
C SER A 104 19.50 -43.37 -0.81
N ASN A 105 20.01 -43.92 -1.92
CA ASN A 105 19.30 -44.90 -2.76
C ASN A 105 20.26 -45.51 -3.79
N LYS A 106 20.13 -46.83 -4.03
CA LYS A 106 21.08 -47.54 -4.89
C LYS A 106 21.15 -47.02 -6.32
N ALA A 107 20.05 -46.49 -6.84
CA ALA A 107 20.01 -45.90 -8.20
C ALA A 107 20.81 -44.60 -8.27
N LEU A 108 21.37 -44.19 -7.14
CA LEU A 108 21.97 -42.89 -7.01
C LEU A 108 23.48 -43.04 -6.85
N PRO A 109 24.26 -42.50 -7.80
CA PRO A 109 25.73 -42.52 -7.68
C PRO A 109 26.18 -41.99 -6.31
N ALA A 110 25.74 -40.79 -5.95
CA ALA A 110 25.92 -40.24 -4.60
C ALA A 110 24.59 -39.73 -4.03
N PRO A 111 24.47 -39.70 -2.68
CA PRO A 111 23.28 -39.18 -2.00
C PRO A 111 22.96 -37.75 -2.41
N ILE A 112 21.67 -37.40 -2.47
CA ILE A 112 21.20 -36.05 -2.82
C ILE A 112 20.84 -35.28 -1.56
N GLU A 113 21.28 -34.03 -1.49
CA GLU A 113 21.06 -33.18 -0.32
C GLU A 113 20.35 -31.90 -0.71
N LYS A 114 19.21 -31.64 -0.06
CA LYS A 114 18.52 -30.35 -0.20
C LYS A 114 18.46 -29.63 1.14
N THR A 115 18.39 -28.30 1.11
CA THR A 115 18.36 -27.52 2.35
C THR A 115 17.23 -26.50 2.33
N ILE A 116 16.49 -26.42 3.43
CA ILE A 116 15.42 -25.45 3.54
C ILE A 116 15.54 -24.66 4.84
N SER A 117 15.16 -23.38 4.77
CA SER A 117 15.04 -22.49 5.92
C SER A 117 13.91 -21.52 5.65
N LYS A 118 13.51 -20.77 6.68
CA LYS A 118 12.58 -19.65 6.53
C LYS A 118 13.17 -18.59 5.58
N ALA A 119 12.29 -17.81 4.96
CA ALA A 119 12.77 -16.76 4.06
C ALA A 119 13.79 -15.86 4.75
N LYS A 120 14.95 -15.70 4.12
CA LYS A 120 16.01 -14.85 4.65
C LYS A 120 15.60 -13.36 4.65
N GLY A 121 16.18 -12.57 5.56
CA GLY A 121 15.92 -11.13 5.62
C GLY A 121 15.22 -10.70 6.90
N GLN A 122 15.37 -9.43 7.27
CA GLN A 122 14.78 -8.89 8.50
C GLN A 122 13.28 -8.77 8.38
N PRO A 123 12.52 -9.49 9.23
CA PRO A 123 11.06 -9.33 9.20
C PRO A 123 10.61 -7.86 9.39
N ARG A 124 9.48 -7.50 8.77
CA ARG A 124 8.88 -6.18 8.94
C ARG A 124 7.44 -6.40 9.34
N GLU A 125 6.91 -5.50 10.16
CA GLU A 125 5.59 -5.66 10.73
C GLU A 125 4.49 -5.27 9.76
N PRO A 126 3.44 -6.11 9.65
CA PRO A 126 2.21 -5.75 8.96
C PRO A 126 1.54 -4.54 9.58
N GLN A 127 1.46 -3.43 8.83
CA GLN A 127 0.55 -2.35 9.20
C GLN A 127 -0.83 -2.78 8.71
N VAL A 128 -1.81 -2.78 9.60
CA VAL A 128 -3.15 -3.33 9.30
C VAL A 128 -4.26 -2.28 9.48
N TYR A 129 -4.97 -1.97 8.40
CA TYR A 129 -6.04 -0.97 8.43
C TYR A 129 -7.37 -1.52 7.94
N THR A 130 -8.44 -1.20 8.65
CA THR A 130 -9.78 -1.56 8.19
C THR A 130 -10.39 -0.37 7.44
N LEU A 131 -11.15 -0.66 6.40
CA LEU A 131 -11.74 0.38 5.58
C LEU A 131 -13.20 0.04 5.39
N PRO A 132 -14.10 1.01 5.72
CA PRO A 132 -15.55 0.82 5.54
C PRO A 132 -15.92 0.91 4.07
N PRO A 133 -17.08 0.31 3.71
CA PRO A 133 -17.60 0.37 2.35
C PRO A 133 -17.86 1.80 1.91
N SER A 134 -17.78 2.03 0.59
CA SER A 134 -18.07 3.32 -0.03
C SER A 134 -19.52 3.69 0.25
N ARG A 135 -19.78 4.99 0.40
CA ARG A 135 -21.17 5.49 0.43
C ARG A 135 -21.89 5.05 -0.84
N LYS A 136 -21.18 5.18 -1.97
CA LYS A 136 -21.70 4.76 -3.27
C LYS A 136 -22.05 3.27 -3.36
N GLU A 137 -21.73 2.50 -2.32
CA GLU A 137 -22.03 1.07 -2.34
C GLU A 137 -23.32 0.75 -1.59
N MET A 138 -23.82 1.74 -0.85
CA MET A 138 -25.03 1.55 -0.02
C MET A 138 -26.29 1.27 -0.82
N THR A 139 -26.21 1.44 -2.14
CA THR A 139 -27.25 1.06 -3.08
C THR A 139 -27.53 -0.44 -3.09
N LYS A 140 -26.48 -1.26 -3.06
CA LYS A 140 -26.62 -2.71 -3.28
C LYS A 140 -27.05 -3.45 -2.00
N ASN A 141 -27.49 -4.71 -2.15
CA ASN A 141 -27.89 -5.53 -1.00
C ASN A 141 -26.71 -5.83 -0.09
N GLN A 142 -25.52 -5.98 -0.68
CA GLN A 142 -24.33 -6.35 0.05
C GLN A 142 -23.24 -5.28 -0.07
N VAL A 143 -22.56 -5.02 1.05
CA VAL A 143 -21.44 -4.08 1.06
C VAL A 143 -20.12 -4.80 1.36
N SER A 144 -19.01 -4.14 1.01
CA SER A 144 -17.68 -4.73 1.14
C SER A 144 -16.91 -4.13 2.31
N LEU A 145 -16.40 -4.99 3.18
CA LEU A 145 -15.52 -4.52 4.26
C LEU A 145 -14.09 -4.93 3.91
N THR A 146 -13.17 -3.96 4.02
CA THR A 146 -11.84 -4.09 3.46
C THR A 146 -10.77 -4.00 4.54
N CYS A 147 -9.89 -4.99 4.55
CA CYS A 147 -8.73 -5.02 5.41
C CYS A 147 -7.48 -4.93 4.58
N LEU A 148 -6.75 -3.83 4.76
CA LEU A 148 -5.48 -3.59 4.06
C LEU A 148 -4.31 -3.97 4.96
N VAL A 149 -3.53 -4.95 4.54
CA VAL A 149 -2.37 -5.41 5.30
C VAL A 149 -1.13 -5.11 4.48
N LYS A 150 -0.27 -4.20 4.94
CA LYS A 150 0.85 -3.77 4.11
C LYS A 150 2.16 -3.63 4.84
N GLY A 151 3.24 -3.59 4.08
CA GLY A 151 4.59 -3.49 4.63
C GLY A 151 5.07 -4.70 5.41
N PHE A 152 4.48 -5.88 5.21
CA PHE A 152 4.97 -7.09 5.89
C PHE A 152 6.09 -7.83 5.14
N TYR A 153 6.87 -8.59 5.91
CA TYR A 153 7.91 -9.48 5.39
C TYR A 153 8.33 -10.41 6.52
N PRO A 154 8.48 -11.71 6.24
CA PRO A 154 8.23 -12.39 4.96
C PRO A 154 6.75 -12.42 4.62
N SER A 155 6.42 -13.03 3.48
CA SER A 155 5.06 -13.06 2.97
C SER A 155 4.18 -14.08 3.67
N ASP A 156 4.77 -14.92 4.51
CA ASP A 156 3.99 -15.88 5.31
C ASP A 156 3.03 -15.18 6.24
N ILE A 157 1.75 -15.24 5.90
CA ILE A 157 0.72 -14.53 6.63
C ILE A 157 -0.59 -15.33 6.61
N ALA A 158 -1.47 -15.07 7.56
CA ALA A 158 -2.84 -15.60 7.52
C ALA A 158 -3.78 -14.46 7.91
N VAL A 159 -4.91 -14.37 7.21
CA VAL A 159 -5.82 -13.25 7.43
C VAL A 159 -7.24 -13.72 7.34
N GLU A 160 -7.97 -13.55 8.45
CA GLU A 160 -9.35 -14.04 8.54
C GLU A 160 -10.28 -13.00 9.12
N TRP A 161 -11.59 -13.21 8.95
CA TRP A 161 -12.62 -12.29 9.42
C TRP A 161 -13.50 -12.93 10.45
N GLU A 162 -14.00 -12.10 11.36
CA GLU A 162 -14.85 -12.57 12.45
C GLU A 162 -15.79 -11.49 13.02
N SER A 163 -16.92 -11.94 13.56
CA SER A 163 -17.84 -11.07 14.24
C SER A 163 -18.38 -11.78 15.46
N ASN A 164 -18.46 -11.07 16.58
CA ASN A 164 -18.86 -11.67 17.87
C ASN A 164 -18.19 -13.04 18.09
N GLY A 165 -16.87 -13.09 17.98
CA GLY A 165 -16.09 -14.32 18.20
C GLY A 165 -16.29 -15.47 17.22
N GLN A 166 -16.96 -15.22 16.10
CA GLN A 166 -17.23 -16.25 15.10
C GLN A 166 -16.67 -15.90 13.71
N PRO A 167 -16.10 -16.91 13.00
CA PRO A 167 -15.58 -16.70 11.65
C PRO A 167 -16.70 -16.27 10.70
N GLU A 168 -16.45 -15.26 9.88
CA GLU A 168 -17.42 -14.86 8.88
C GLU A 168 -17.31 -15.75 7.64
N ASN A 169 -18.46 -16.10 7.08
CA ASN A 169 -18.53 -17.05 5.97
C ASN A 169 -17.93 -16.55 4.65
N ASN A 170 -18.23 -15.31 4.29
CA ASN A 170 -18.05 -14.84 2.93
C ASN A 170 -16.96 -13.76 2.75
N TYR A 171 -15.71 -14.20 2.69
CA TYR A 171 -14.59 -13.27 2.45
C TYR A 171 -13.53 -13.88 1.55
N LYS A 172 -12.77 -13.03 0.88
CA LYS A 172 -11.69 -13.47 0.01
C LYS A 172 -10.49 -12.55 0.22
N THR A 173 -9.31 -13.17 0.28
CA THR A 173 -8.07 -12.44 0.47
C THR A 173 -7.23 -12.52 -0.80
N THR A 174 -6.68 -11.40 -1.24
CA THR A 174 -5.78 -11.41 -2.40
C THR A 174 -4.45 -12.06 -1.99
N PRO A 175 -3.76 -12.72 -2.93
CA PRO A 175 -2.43 -13.21 -2.54
C PRO A 175 -1.46 -12.05 -2.33
N PRO A 176 -0.40 -12.27 -1.54
CA PRO A 176 0.56 -11.20 -1.28
C PRO A 176 1.23 -10.74 -2.55
N VAL A 177 1.43 -9.44 -2.67
CA VAL A 177 2.05 -8.84 -3.82
C VAL A 177 3.31 -8.12 -3.36
N LEU A 178 4.41 -8.34 -4.06
CA LEU A 178 5.68 -7.75 -3.71
C LEU A 178 5.75 -6.29 -4.16
N LYS A 179 5.86 -5.38 -3.20
CA LYS A 179 5.99 -3.95 -3.50
C LYS A 179 7.45 -3.68 -3.86
N SER A 180 7.73 -2.50 -4.41
CA SER A 180 9.08 -2.18 -4.87
C SER A 180 10.04 -1.76 -3.75
N ASP A 181 9.56 -1.67 -2.52
CA ASP A 181 10.43 -1.44 -1.36
C ASP A 181 10.85 -2.75 -0.72
N GLY A 182 10.39 -3.87 -1.29
CA GLY A 182 10.80 -5.21 -0.84
C GLY A 182 9.89 -5.89 0.16
N SER A 183 8.79 -5.22 0.52
CA SER A 183 7.76 -5.78 1.41
C SER A 183 6.52 -6.19 0.61
N PHE A 184 5.60 -6.88 1.27
CA PHE A 184 4.39 -7.39 0.65
C PHE A 184 3.17 -6.65 1.15
N PHE A 185 2.14 -6.61 0.32
CA PHE A 185 0.82 -6.18 0.76
C PHE A 185 -0.23 -7.12 0.23
N LEU A 186 -1.42 -7.04 0.80
CA LEU A 186 -2.58 -7.76 0.30
C LEU A 186 -3.82 -7.04 0.81
N TYR A 187 -4.97 -7.39 0.24
CA TYR A 187 -6.22 -6.90 0.73
C TYR A 187 -7.14 -8.09 0.98
N SER A 188 -7.91 -8.03 2.08
CA SER A 188 -8.97 -9.01 2.29
C SER A 188 -10.36 -8.35 2.27
N LYS A 189 -11.28 -8.90 1.47
CA LYS A 189 -12.60 -8.31 1.29
C LYS A 189 -13.69 -9.16 1.94
N LEU A 190 -14.39 -8.56 2.90
CA LEU A 190 -15.52 -9.21 3.53
C LEU A 190 -16.82 -8.71 2.93
N THR A 191 -17.68 -9.66 2.57
CA THR A 191 -18.97 -9.36 1.97
C THR A 191 -20.08 -9.73 2.97
N VAL A 192 -20.81 -8.70 3.41
CA VAL A 192 -21.96 -8.89 4.33
C VAL A 192 -23.22 -8.19 3.82
N ASP A 193 -24.38 -8.66 4.29
CA ASP A 193 -25.69 -8.00 4.05
C ASP A 193 -25.68 -6.58 4.59
N LYS A 194 -26.20 -5.64 3.78
CA LYS A 194 -26.25 -4.21 4.14
C LYS A 194 -26.80 -3.97 5.56
N SER A 195 -27.82 -4.75 5.93
CA SER A 195 -28.46 -4.72 7.26
C SER A 195 -27.41 -4.81 8.37
N ARG A 196 -26.71 -5.94 8.42
CA ARG A 196 -25.70 -6.22 9.43
C ARG A 196 -24.75 -5.05 9.57
N TRP A 197 -24.32 -4.51 8.44
CA TRP A 197 -23.46 -3.36 8.48
C TRP A 197 -24.22 -2.25 9.13
N GLN A 198 -25.38 -1.91 8.54
CA GLN A 198 -26.15 -0.72 8.92
C GLN A 198 -26.59 -0.67 10.39
N GLN A 199 -26.87 -1.83 10.97
CA GLN A 199 -27.34 -1.88 12.36
C GLN A 199 -26.22 -1.99 13.42
N GLY A 200 -25.03 -1.49 13.07
CA GLY A 200 -23.93 -1.32 14.01
C GLY A 200 -23.04 -2.50 14.38
N ASN A 201 -23.37 -3.70 13.90
CA ASN A 201 -22.57 -4.90 14.16
C ASN A 201 -21.06 -4.71 13.96
N VAL A 202 -20.27 -5.21 14.89
CA VAL A 202 -18.81 -4.99 14.85
C VAL A 202 -18.12 -6.17 14.17
N PHE A 203 -17.29 -5.85 13.19
CA PHE A 203 -16.54 -6.86 12.43
C PHE A 203 -15.06 -6.65 12.67
N SER A 204 -14.32 -7.76 12.66
CA SER A 204 -12.90 -7.77 13.00
C SER A 204 -12.05 -8.48 11.97
N CYS A 205 -10.93 -7.85 11.64
CA CYS A 205 -9.94 -8.43 10.75
C CYS A 205 -8.77 -8.96 11.57
N SER A 206 -8.49 -10.25 11.46
CA SER A 206 -7.39 -10.89 12.22
C SER A 206 -6.20 -11.26 11.35
N VAL A 207 -5.00 -10.87 11.76
CA VAL A 207 -3.77 -11.15 11.03
C VAL A 207 -2.77 -11.95 11.89
N MET A 208 -2.20 -13.02 11.32
CA MET A 208 -1.06 -13.70 11.94
C MET A 208 0.22 -13.52 11.14
N HIS A 209 1.28 -13.11 11.84
CA HIS A 209 2.56 -12.86 11.22
C HIS A 209 3.63 -12.86 12.27
N GLU A 210 4.80 -13.38 11.94
CA GLU A 210 5.82 -13.59 12.96
C GLU A 210 6.25 -12.29 13.63
N ALA A 211 6.12 -11.18 12.91
CA ALA A 211 6.71 -9.92 13.33
C ALA A 211 5.75 -9.08 14.17
N LEU A 212 4.51 -9.53 14.27
CA LEU A 212 3.55 -8.94 15.18
C LEU A 212 3.82 -9.47 16.59
N HIS A 213 3.54 -8.64 17.58
CA HIS A 213 3.56 -9.05 18.97
C HIS A 213 2.59 -10.19 19.19
N ASN A 214 3.11 -11.30 19.72
CA ASN A 214 2.37 -12.56 19.84
C ASN A 214 1.85 -13.14 18.51
N HIS A 215 2.55 -12.78 17.43
CA HIS A 215 2.19 -13.24 16.09
C HIS A 215 0.78 -12.90 15.75
N TYR A 216 0.24 -11.81 16.28
CA TYR A 216 -1.19 -11.57 16.13
C TYR A 216 -1.55 -10.12 16.21
N THR A 217 -2.67 -9.78 15.60
CA THR A 217 -3.30 -8.51 15.83
C THR A 217 -4.69 -8.54 15.26
N GLN A 218 -5.49 -7.57 15.65
CA GLN A 218 -6.89 -7.58 15.31
C GLN A 218 -7.34 -6.14 15.23
N LYS A 219 -7.99 -5.80 14.12
CA LYS A 219 -8.46 -4.46 13.91
C LYS A 219 -9.95 -4.54 13.66
N SER A 220 -10.69 -3.58 14.20
CA SER A 220 -12.14 -3.69 14.16
C SER A 220 -12.80 -2.67 13.25
N LEU A 221 -14.00 -3.01 12.80
CA LEU A 221 -14.75 -2.17 11.86
C LEU A 221 -16.25 -2.27 12.08
N SER A 222 -16.88 -1.11 12.25
CA SER A 222 -18.33 -1.01 12.42
C SER A 222 -18.76 0.39 12.03
N LEU A 223 -20.06 0.60 11.88
CA LEU A 223 -20.59 1.90 11.48
C LEU A 223 -20.40 2.95 12.57
N GLY B 29 11.44 -36.80 -26.85
CA GLY B 29 10.09 -36.37 -27.30
C GLY B 29 10.17 -35.42 -28.48
N GLY B 30 9.13 -34.59 -28.65
CA GLY B 30 9.11 -33.57 -29.70
C GLY B 30 8.79 -32.17 -29.19
N PRO B 31 8.61 -31.20 -30.12
CA PRO B 31 8.25 -29.81 -29.77
C PRO B 31 6.98 -29.69 -28.94
N SER B 32 6.85 -28.59 -28.23
CA SER B 32 5.62 -28.30 -27.48
C SER B 32 5.17 -26.90 -27.84
N VAL B 33 3.87 -26.69 -27.90
CA VAL B 33 3.33 -25.39 -28.27
C VAL B 33 2.62 -24.68 -27.10
N PHE B 34 2.92 -23.40 -26.93
CA PHE B 34 2.15 -22.58 -26.00
C PHE B 34 1.60 -21.34 -26.70
N LEU B 35 0.30 -21.11 -26.54
CA LEU B 35 -0.39 -20.01 -27.20
C LEU B 35 -0.90 -18.95 -26.22
N PHE B 36 -0.33 -17.75 -26.28
CA PHE B 36 -0.59 -16.69 -25.32
C PHE B 36 -1.48 -15.57 -25.82
N PRO B 37 -2.40 -15.07 -24.97
CA PRO B 37 -3.36 -14.05 -25.38
C PRO B 37 -2.68 -12.71 -25.45
N PRO B 38 -3.38 -11.71 -25.98
CA PRO B 38 -2.90 -10.34 -25.84
C PRO B 38 -3.08 -9.84 -24.40
N LYS B 39 -2.39 -8.77 -24.04
CA LYS B 39 -2.61 -8.15 -22.75
C LYS B 39 -3.96 -7.43 -22.73
N PRO B 40 -4.73 -7.60 -21.64
CA PRO B 40 -6.00 -6.90 -21.47
C PRO B 40 -5.94 -5.42 -21.86
N LYS B 41 -4.94 -4.72 -21.34
CA LYS B 41 -4.77 -3.30 -21.63
C LYS B 41 -4.64 -3.09 -23.14
N ASP B 42 -3.87 -3.97 -23.79
CA ASP B 42 -3.69 -3.92 -25.24
C ASP B 42 -5.00 -4.07 -26.01
N THR B 43 -5.88 -4.96 -25.53
CA THR B 43 -7.19 -5.18 -26.19
C THR B 43 -8.23 -4.11 -25.88
N LEU B 44 -7.95 -3.26 -24.90
CA LEU B 44 -8.92 -2.25 -24.48
C LEU B 44 -8.58 -0.84 -24.97
N GLU B 45 -7.30 -0.58 -25.18
CA GLU B 45 -6.85 0.72 -25.69
C GLU B 45 -6.59 0.73 -27.19
N ALA B 46 -7.36 1.56 -27.89
CA ALA B 46 -7.30 1.68 -29.34
C ALA B 46 -5.91 1.99 -29.87
N SER B 47 -5.14 2.79 -29.14
CA SER B 47 -3.79 3.17 -29.59
C SER B 47 -2.74 2.05 -29.39
N ARG B 48 -3.16 0.94 -28.78
CA ARG B 48 -2.25 -0.17 -28.46
C ARG B 48 -2.40 -1.37 -29.38
N THR B 49 -1.35 -2.18 -29.44
CA THR B 49 -1.28 -3.32 -30.36
C THR B 49 -1.50 -4.67 -29.67
N PRO B 50 -2.73 -5.20 -29.72
CA PRO B 50 -2.97 -6.55 -29.20
C PRO B 50 -2.37 -7.63 -30.10
N GLU B 51 -1.76 -8.65 -29.48
CA GLU B 51 -1.09 -9.71 -30.22
C GLU B 51 -1.40 -11.08 -29.61
N VAL B 52 -1.78 -12.05 -30.43
CA VAL B 52 -1.80 -13.44 -30.00
C VAL B 52 -0.42 -14.04 -30.32
N THR B 53 0.08 -14.95 -29.50
CA THR B 53 1.49 -15.33 -29.59
C THR B 53 1.70 -16.82 -29.47
N CYS B 54 2.24 -17.41 -30.52
CA CYS B 54 2.40 -18.84 -30.57
C CYS B 54 3.87 -19.18 -30.41
N VAL B 55 4.20 -19.97 -29.40
CA VAL B 55 5.57 -20.21 -29.05
C VAL B 55 5.76 -21.69 -29.17
N VAL B 56 6.74 -22.08 -29.97
CA VAL B 56 7.10 -23.48 -30.09
C VAL B 56 8.43 -23.64 -29.42
N VAL B 57 8.51 -24.62 -28.53
CA VAL B 57 9.75 -24.93 -27.82
C VAL B 57 10.11 -26.40 -27.99
N ASP B 58 11.35 -26.73 -27.64
CA ASP B 58 11.88 -28.08 -27.80
C ASP B 58 11.99 -28.52 -29.26
N VAL B 59 12.31 -27.54 -30.12
CA VAL B 59 12.64 -27.81 -31.51
C VAL B 59 14.07 -28.33 -31.56
N SER B 60 14.25 -29.51 -32.11
CA SER B 60 15.58 -30.13 -32.18
C SER B 60 16.47 -29.44 -33.21
N HIS B 61 17.77 -29.73 -33.14
CA HIS B 61 18.73 -29.17 -34.07
C HIS B 61 18.77 -29.93 -35.36
N GLU B 62 18.42 -31.21 -35.29
CA GLU B 62 18.43 -32.05 -36.49
C GLU B 62 17.19 -31.84 -37.36
N ASP B 63 16.11 -31.33 -36.75
CA ASP B 63 14.87 -31.05 -37.48
C ASP B 63 14.31 -29.64 -37.20
N PRO B 64 15.08 -28.60 -37.54
CA PRO B 64 14.75 -27.26 -37.02
C PRO B 64 13.58 -26.52 -37.67
N GLU B 65 13.06 -27.03 -38.79
CA GLU B 65 12.10 -26.26 -39.58
C GLU B 65 10.71 -26.35 -38.96
N VAL B 66 10.04 -25.20 -38.86
CA VAL B 66 8.73 -25.16 -38.25
C VAL B 66 7.75 -24.43 -39.16
N LYS B 67 6.56 -25.00 -39.35
CA LYS B 67 5.55 -24.36 -40.18
C LYS B 67 4.43 -23.92 -39.27
N PHE B 68 3.96 -22.67 -39.48
CA PHE B 68 2.81 -22.12 -38.75
C PHE B 68 1.65 -21.92 -39.71
N ASN B 69 0.47 -22.39 -39.31
CA ASN B 69 -0.76 -21.96 -39.97
C ASN B 69 -1.66 -21.33 -38.91
N TRP B 70 -2.22 -20.18 -39.26
CA TRP B 70 -3.09 -19.42 -38.36
C TRP B 70 -4.52 -19.36 -38.87
N TYR B 71 -5.48 -19.51 -37.97
CA TYR B 71 -6.90 -19.39 -38.31
C TYR B 71 -7.63 -18.46 -37.35
N VAL B 72 -8.67 -17.78 -37.85
CA VAL B 72 -9.54 -16.91 -37.06
C VAL B 72 -10.95 -17.36 -37.40
N ASP B 73 -11.67 -17.91 -36.42
CA ASP B 73 -12.95 -18.60 -36.64
C ASP B 73 -12.93 -19.61 -37.79
N GLY B 74 -11.93 -20.49 -37.78
CA GLY B 74 -11.75 -21.50 -38.83
C GLY B 74 -11.27 -21.00 -40.20
N VAL B 75 -11.17 -19.69 -40.38
CA VAL B 75 -10.72 -19.13 -41.65
C VAL B 75 -9.25 -18.79 -41.57
N GLU B 76 -8.45 -19.43 -42.41
CA GLU B 76 -7.01 -19.16 -42.44
C GLU B 76 -6.67 -17.69 -42.73
N VAL B 77 -5.67 -17.18 -42.01
CA VAL B 77 -5.17 -15.82 -42.22
C VAL B 77 -3.68 -15.88 -42.47
N HIS B 78 -3.16 -14.89 -43.20
CA HIS B 78 -1.84 -15.00 -43.82
C HIS B 78 -0.84 -13.98 -43.40
N ASN B 79 -1.20 -13.13 -42.44
CA ASN B 79 -0.37 -11.98 -42.11
C ASN B 79 0.33 -12.04 -40.74
N ALA B 80 0.52 -13.24 -40.22
CA ALA B 80 1.26 -13.37 -38.97
C ALA B 80 2.73 -13.11 -39.23
N LYS B 81 3.42 -12.55 -38.23
CA LYS B 81 4.85 -12.32 -38.35
C LYS B 81 5.54 -13.43 -37.59
N THR B 82 6.34 -14.22 -38.30
CA THR B 82 7.12 -15.29 -37.69
C THR B 82 8.58 -14.92 -37.64
N LYS B 83 9.18 -15.15 -36.47
CA LYS B 83 10.53 -14.72 -36.20
C LYS B 83 11.49 -15.87 -36.44
N PRO B 84 12.75 -15.56 -36.81
CA PRO B 84 13.70 -16.67 -36.99
C PRO B 84 13.93 -17.45 -35.69
N ARG B 85 14.24 -18.74 -35.84
CA ARG B 85 14.79 -19.62 -34.78
C ARG B 85 15.62 -18.87 -33.74
N GLU B 86 15.42 -19.17 -32.46
CA GLU B 86 16.29 -18.63 -31.41
C GLU B 86 16.98 -19.75 -30.68
N GLU B 87 18.31 -19.69 -30.66
CA GLU B 87 19.12 -20.66 -29.96
C GLU B 87 18.90 -20.49 -28.46
N GLN B 88 18.65 -21.60 -27.77
CA GLN B 88 18.37 -21.57 -26.33
C GLN B 88 19.56 -22.07 -25.49
N TYR B 89 20.50 -22.76 -26.15
CA TYR B 89 21.71 -23.28 -25.53
C TYR B 89 21.45 -24.45 -24.58
N ASN B 90 20.23 -24.99 -24.61
CA ASN B 90 19.91 -26.21 -23.87
C ASN B 90 19.61 -27.43 -24.75
N SER B 91 20.16 -27.41 -25.97
CA SER B 91 19.97 -28.43 -27.03
C SER B 91 18.76 -28.18 -27.92
N THR B 92 18.00 -27.11 -27.65
CA THR B 92 16.77 -26.83 -28.41
C THR B 92 16.69 -25.41 -29.01
N TYR B 93 15.85 -25.26 -30.01
CA TYR B 93 15.48 -23.95 -30.53
C TYR B 93 14.11 -23.57 -30.01
N ARG B 94 13.86 -22.27 -29.99
CA ARG B 94 12.58 -21.70 -29.64
C ARG B 94 12.19 -20.85 -30.85
N VAL B 95 10.93 -20.97 -31.28
CA VAL B 95 10.42 -20.25 -32.45
C VAL B 95 9.07 -19.62 -32.10
N VAL B 96 8.87 -18.39 -32.55
CA VAL B 96 7.71 -17.61 -32.17
C VAL B 96 7.00 -17.04 -33.40
N SER B 97 5.68 -17.17 -33.40
CA SER B 97 4.86 -16.55 -34.42
C SER B 97 3.84 -15.64 -33.75
N VAL B 98 3.76 -14.41 -34.23
CA VAL B 98 2.93 -13.38 -33.59
C VAL B 98 1.81 -12.89 -34.51
N LEU B 99 0.58 -13.04 -34.05
CA LEU B 99 -0.60 -12.54 -34.79
C LEU B 99 -1.23 -11.30 -34.15
N THR B 100 -1.25 -10.20 -34.91
CA THR B 100 -1.91 -8.98 -34.53
C THR B 100 -3.42 -9.12 -34.77
N VAL B 101 -4.21 -8.92 -33.72
CA VAL B 101 -5.67 -9.02 -33.84
C VAL B 101 -6.35 -7.65 -33.89
N LEU B 102 -7.56 -7.65 -34.41
CA LEU B 102 -8.36 -6.45 -34.39
C LEU B 102 -8.97 -6.42 -32.99
N HIS B 103 -8.97 -5.23 -32.38
CA HIS B 103 -9.51 -5.08 -31.04
C HIS B 103 -10.91 -5.63 -31.03
N GLN B 104 -11.73 -5.18 -31.98
CA GLN B 104 -13.14 -5.53 -32.02
C GLN B 104 -13.37 -7.05 -32.15
N ASP B 105 -12.40 -7.73 -32.77
CA ASP B 105 -12.49 -9.15 -33.00
C ASP B 105 -12.21 -9.95 -31.75
N TRP B 106 -11.18 -9.54 -31.00
CA TRP B 106 -10.90 -10.16 -29.71
C TRP B 106 -12.07 -9.94 -28.78
N LEU B 107 -12.51 -8.68 -28.71
CA LEU B 107 -13.69 -8.28 -27.91
C LEU B 107 -15.02 -8.96 -28.28
N ASN B 108 -15.23 -9.28 -29.55
CA ASN B 108 -16.44 -10.03 -29.96
C ASN B 108 -16.32 -11.55 -29.89
N GLY B 109 -15.18 -12.05 -29.40
CA GLY B 109 -15.06 -13.49 -29.12
C GLY B 109 -14.55 -14.38 -30.24
N LYS B 110 -13.87 -13.80 -31.22
CA LYS B 110 -13.33 -14.63 -32.31
C LYS B 110 -12.30 -15.61 -31.73
N GLU B 111 -12.25 -16.82 -32.29
CA GLU B 111 -11.30 -17.82 -31.83
C GLU B 111 -10.07 -17.72 -32.70
N TYR B 112 -8.91 -18.02 -32.10
CA TYR B 112 -7.65 -17.94 -32.81
C TYR B 112 -6.94 -19.28 -32.72
N LYS B 113 -6.61 -19.85 -33.87
CA LYS B 113 -5.98 -21.17 -33.90
C LYS B 113 -4.57 -21.07 -34.44
N CYS B 114 -3.65 -21.70 -33.71
CA CYS B 114 -2.27 -21.81 -34.15
C CYS B 114 -2.03 -23.28 -34.44
N LYS B 115 -1.62 -23.58 -35.67
CA LYS B 115 -1.28 -24.96 -36.05
C LYS B 115 0.20 -25.01 -36.39
N VAL B 116 0.90 -25.95 -35.77
CA VAL B 116 2.37 -25.99 -35.80
C VAL B 116 2.79 -27.33 -36.38
N SER B 117 3.60 -27.27 -37.44
CA SER B 117 4.12 -28.48 -38.09
C SER B 117 5.63 -28.56 -37.97
N ASN B 118 6.12 -29.79 -37.79
CA ASN B 118 7.53 -30.05 -37.60
C ASN B 118 7.75 -31.51 -37.83
N LYS B 119 8.91 -31.87 -38.38
CA LYS B 119 9.20 -33.25 -38.78
C LYS B 119 9.28 -34.28 -37.65
N ALA B 120 9.36 -33.82 -36.40
CA ALA B 120 9.52 -34.72 -35.25
C ALA B 120 8.19 -35.03 -34.58
N LEU B 121 7.13 -34.40 -35.07
CA LEU B 121 5.79 -34.68 -34.59
C LEU B 121 5.12 -35.69 -35.51
N PRO B 122 4.36 -36.63 -34.93
CA PRO B 122 3.58 -37.56 -35.75
C PRO B 122 2.46 -36.84 -36.51
N ALA B 123 1.91 -35.80 -35.91
CA ALA B 123 0.83 -34.98 -36.46
C ALA B 123 1.06 -33.54 -36.01
N PRO B 124 0.54 -32.56 -36.76
CA PRO B 124 0.73 -31.17 -36.30
C PRO B 124 0.00 -30.89 -34.98
N ILE B 125 0.44 -29.89 -34.23
CA ILE B 125 -0.26 -29.48 -33.00
C ILE B 125 -1.09 -28.21 -33.23
N GLU B 126 -2.36 -28.30 -32.90
CA GLU B 126 -3.27 -27.17 -32.96
C GLU B 126 -3.62 -26.70 -31.54
N LYS B 127 -3.46 -25.40 -31.28
CA LYS B 127 -4.00 -24.81 -30.04
C LYS B 127 -4.90 -23.63 -30.40
N THR B 128 -5.95 -23.43 -29.60
CA THR B 128 -6.90 -22.34 -29.81
C THR B 128 -7.08 -21.53 -28.52
N ILE B 129 -7.24 -20.22 -28.66
CA ILE B 129 -7.60 -19.36 -27.54
C ILE B 129 -8.57 -18.27 -27.96
N SER B 130 -9.34 -17.80 -27.00
CA SER B 130 -10.27 -16.68 -27.18
C SER B 130 -10.47 -15.98 -25.85
N LYS B 131 -11.10 -14.81 -25.89
CA LYS B 131 -11.64 -14.17 -24.71
C LYS B 131 -12.49 -15.18 -23.97
N ALA B 132 -12.47 -15.11 -22.64
CA ALA B 132 -13.30 -15.97 -21.81
C ALA B 132 -14.76 -15.89 -22.23
N LYS B 133 -15.47 -17.01 -22.13
CA LYS B 133 -16.88 -17.05 -22.50
C LYS B 133 -17.75 -17.01 -21.25
N GLY B 134 -18.76 -16.17 -21.28
CA GLY B 134 -19.66 -15.99 -20.16
C GLY B 134 -20.25 -14.61 -20.28
N GLN B 135 -21.44 -14.42 -19.71
CA GLN B 135 -22.11 -13.12 -19.73
C GLN B 135 -21.21 -12.07 -19.07
N PRO B 136 -20.78 -11.06 -19.85
CA PRO B 136 -19.99 -9.98 -19.28
C PRO B 136 -20.78 -9.21 -18.21
N ARG B 137 -20.09 -8.77 -17.16
CA ARG B 137 -20.73 -8.03 -16.07
C ARG B 137 -19.97 -6.74 -15.79
N GLU B 138 -20.72 -5.67 -15.53
CA GLU B 138 -20.13 -4.36 -15.28
C GLU B 138 -19.38 -4.30 -13.95
N PRO B 139 -18.17 -3.71 -13.95
CA PRO B 139 -17.35 -3.52 -12.75
C PRO B 139 -17.88 -2.42 -11.85
N GLN B 140 -18.18 -2.75 -10.60
CA GLN B 140 -18.49 -1.75 -9.57
C GLN B 140 -17.18 -1.15 -9.09
N VAL B 141 -17.03 0.18 -9.20
CA VAL B 141 -15.77 0.87 -8.88
C VAL B 141 -15.92 1.82 -7.68
N TYR B 142 -15.31 1.45 -6.57
CA TYR B 142 -15.39 2.22 -5.33
C TYR B 142 -14.01 2.69 -4.87
N THR B 143 -13.91 3.98 -4.58
CA THR B 143 -12.67 4.53 -4.01
C THR B 143 -12.82 4.64 -2.50
N LEU B 144 -11.72 4.47 -1.79
CA LEU B 144 -11.73 4.40 -0.32
C LEU B 144 -10.51 5.14 0.20
N PRO B 145 -10.72 6.13 1.07
CA PRO B 145 -9.62 6.97 1.56
C PRO B 145 -8.66 6.17 2.45
N PRO B 146 -7.47 6.72 2.74
CA PRO B 146 -6.65 6.10 3.78
C PRO B 146 -7.38 6.06 5.13
N SER B 147 -7.06 5.05 5.93
CA SER B 147 -7.48 4.97 7.34
C SER B 147 -6.93 6.15 8.17
N ARG B 148 -7.71 6.59 9.14
CA ARG B 148 -7.24 7.58 10.14
C ARG B 148 -5.93 7.12 10.78
N GLU B 149 -5.81 5.81 11.00
CA GLU B 149 -4.64 5.22 11.66
C GLU B 149 -3.36 5.41 10.86
N GLU B 150 -3.51 5.55 9.54
CA GLU B 150 -2.36 5.62 8.64
C GLU B 150 -1.70 7.01 8.67
N MET B 151 -2.35 7.97 9.32
CA MET B 151 -1.91 9.38 9.32
C MET B 151 -0.66 9.72 10.16
N THR B 152 -0.06 8.69 10.76
CA THR B 152 1.17 8.86 11.54
C THR B 152 2.40 8.76 10.65
N LYS B 153 2.21 8.38 9.39
CA LYS B 153 3.35 8.06 8.51
C LYS B 153 3.56 9.13 7.45
N ASN B 154 4.67 9.01 6.70
CA ASN B 154 4.96 9.92 5.60
C ASN B 154 3.95 9.77 4.49
N GLN B 155 3.62 8.52 4.19
CA GLN B 155 2.82 8.21 3.01
C GLN B 155 1.54 7.44 3.36
N VAL B 156 0.46 7.76 2.65
CA VAL B 156 -0.83 7.12 2.86
C VAL B 156 -1.23 6.29 1.63
N SER B 157 -2.13 5.33 1.83
CA SER B 157 -2.62 4.50 0.74
C SER B 157 -3.99 4.94 0.29
N LEU B 158 -4.17 5.11 -1.02
CA LEU B 158 -5.49 5.39 -1.58
C LEU B 158 -5.94 4.13 -2.30
N THR B 159 -7.15 3.70 -2.00
CA THR B 159 -7.64 2.41 -2.46
C THR B 159 -8.72 2.51 -3.53
N CYS B 160 -8.58 1.69 -4.57
CA CYS B 160 -9.62 1.50 -5.57
C CYS B 160 -10.09 0.06 -5.54
N LEU B 161 -11.33 -0.13 -5.12
CA LEU B 161 -11.93 -1.45 -5.15
C LEU B 161 -12.73 -1.55 -6.42
N VAL B 162 -12.39 -2.55 -7.23
CA VAL B 162 -13.12 -2.83 -8.44
C VAL B 162 -13.66 -4.23 -8.30
N LYS B 163 -14.98 -4.36 -8.29
CA LYS B 163 -15.61 -5.66 -8.04
C LYS B 163 -16.77 -6.03 -8.98
N GLY B 164 -17.21 -7.27 -8.89
CA GLY B 164 -18.34 -7.76 -9.67
C GLY B 164 -18.17 -7.84 -11.18
N PHE B 165 -16.96 -7.58 -11.69
CA PHE B 165 -16.75 -7.62 -13.14
C PHE B 165 -16.54 -9.02 -13.71
N TYR B 166 -16.91 -9.20 -14.96
CA TYR B 166 -16.61 -10.40 -15.74
C TYR B 166 -16.55 -9.97 -17.20
N PRO B 167 -15.58 -10.51 -17.99
CA PRO B 167 -14.49 -11.44 -17.65
C PRO B 167 -13.34 -10.76 -16.87
N SER B 168 -12.32 -11.53 -16.54
CA SER B 168 -11.23 -11.04 -15.70
C SER B 168 -10.28 -10.08 -16.39
N ASP B 169 -10.46 -9.89 -17.69
CA ASP B 169 -9.66 -8.89 -18.42
C ASP B 169 -10.04 -7.50 -17.95
N ILE B 170 -9.04 -6.71 -17.57
CA ILE B 170 -9.23 -5.38 -16.98
C ILE B 170 -7.92 -4.60 -16.90
N ALA B 171 -8.03 -3.28 -16.89
CA ALA B 171 -6.88 -2.44 -16.61
C ALA B 171 -7.24 -1.31 -15.65
N VAL B 172 -6.36 -1.05 -14.68
CA VAL B 172 -6.59 -0.02 -13.66
C VAL B 172 -5.42 0.95 -13.60
N GLU B 173 -5.73 2.24 -13.58
CA GLU B 173 -4.72 3.29 -13.51
C GLU B 173 -5.16 4.38 -12.52
N TRP B 174 -4.30 5.37 -12.30
CA TRP B 174 -4.56 6.46 -11.36
C TRP B 174 -4.06 7.74 -11.94
N GLU B 175 -4.75 8.84 -11.63
CA GLU B 175 -4.32 10.16 -12.06
C GLU B 175 -4.80 11.28 -11.13
N SER B 176 -4.13 12.41 -11.22
CA SER B 176 -4.48 13.60 -10.49
C SER B 176 -4.20 14.83 -11.36
N ASN B 177 -5.24 15.63 -11.59
CA ASN B 177 -5.17 16.86 -12.42
C ASN B 177 -4.72 16.62 -13.86
N GLY B 178 -5.27 15.60 -14.51
CA GLY B 178 -4.93 15.28 -15.89
C GLY B 178 -3.55 14.69 -16.13
N GLN B 179 -2.81 14.46 -15.04
CA GLN B 179 -1.48 13.86 -15.11
C GLN B 179 -1.48 12.49 -14.43
N PRO B 180 -0.80 11.50 -15.04
CA PRO B 180 -0.84 10.13 -14.49
C PRO B 180 -0.11 9.98 -13.15
N GLU B 181 -0.66 9.16 -12.26
CA GLU B 181 -0.03 8.83 -10.97
C GLU B 181 0.59 7.44 -11.04
N ASN B 182 1.90 7.38 -10.97
CA ASN B 182 2.59 6.13 -11.27
C ASN B 182 2.86 5.19 -10.10
N ASN B 183 2.83 5.74 -8.89
CA ASN B 183 3.23 5.01 -7.70
C ASN B 183 2.12 4.12 -7.14
N TYR B 184 1.72 3.12 -7.89
CA TYR B 184 0.63 2.26 -7.47
C TYR B 184 0.92 0.79 -7.75
N ASP B 185 0.19 -0.07 -7.05
CA ASP B 185 0.26 -1.50 -7.23
C ASP B 185 -1.16 -1.98 -7.28
N THR B 186 -1.43 -2.96 -8.13
CA THR B 186 -2.76 -3.49 -8.30
C THR B 186 -2.66 -4.98 -8.12
N THR B 187 -3.59 -5.57 -7.39
CA THR B 187 -3.61 -7.01 -7.24
C THR B 187 -4.04 -7.63 -8.57
N PRO B 188 -3.62 -8.87 -8.85
CA PRO B 188 -4.25 -9.53 -9.99
C PRO B 188 -5.73 -9.73 -9.69
N PRO B 189 -6.54 -10.12 -10.69
CA PRO B 189 -7.94 -10.42 -10.34
C PRO B 189 -8.04 -11.61 -9.41
N VAL B 190 -9.06 -11.59 -8.54
CA VAL B 190 -9.35 -12.71 -7.67
C VAL B 190 -10.77 -13.16 -8.00
N LEU B 191 -10.99 -14.47 -8.06
CA LEU B 191 -12.31 -15.02 -8.35
C LEU B 191 -13.19 -14.87 -7.12
N ASP B 192 -14.31 -14.17 -7.28
CA ASP B 192 -15.27 -14.03 -6.19
C ASP B 192 -16.31 -15.15 -6.19
N SER B 193 -16.91 -15.39 -5.02
CA SER B 193 -17.83 -16.55 -4.83
C SER B 193 -19.08 -16.57 -5.72
N ASP B 194 -19.45 -15.43 -6.28
CA ASP B 194 -20.54 -15.36 -7.26
C ASP B 194 -20.02 -15.50 -8.72
N GLY B 195 -18.83 -16.07 -8.87
CA GLY B 195 -18.23 -16.30 -10.19
C GLY B 195 -17.78 -15.04 -10.94
N SER B 196 -17.94 -13.88 -10.32
CA SER B 196 -17.39 -12.65 -10.90
C SER B 196 -15.99 -12.43 -10.32
N PHE B 197 -15.32 -11.36 -10.76
CA PHE B 197 -13.98 -11.05 -10.32
C PHE B 197 -13.89 -9.73 -9.56
N PHE B 198 -12.96 -9.65 -8.63
CA PHE B 198 -12.58 -8.37 -8.05
C PHE B 198 -11.08 -8.22 -8.00
N LEU B 199 -10.64 -7.00 -7.78
CA LEU B 199 -9.27 -6.68 -7.45
C LEU B 199 -9.26 -5.40 -6.64
N TYR B 200 -8.10 -5.07 -6.06
CA TYR B 200 -7.91 -3.79 -5.40
C TYR B 200 -6.68 -3.13 -6.03
N SER B 201 -6.65 -1.79 -6.00
CA SER B 201 -5.43 -1.07 -6.37
C SER B 201 -5.07 -0.07 -5.27
N ASP B 202 -3.80 -0.04 -4.89
CA ASP B 202 -3.26 0.85 -3.84
C ASP B 202 -2.39 1.88 -4.50
N LEU B 203 -2.85 3.12 -4.53
CA LEU B 203 -2.01 4.27 -4.87
C LEU B 203 -1.51 4.87 -3.57
N THR B 204 -0.19 4.95 -3.47
CA THR B 204 0.51 5.34 -2.27
C THR B 204 1.11 6.73 -2.49
N VAL B 205 0.64 7.71 -1.73
CA VAL B 205 1.05 9.12 -1.92
C VAL B 205 1.56 9.80 -0.63
N ASP B 206 2.45 10.78 -0.78
CA ASP B 206 2.93 11.63 0.32
C ASP B 206 1.76 12.25 1.06
N LYS B 207 1.70 12.02 2.38
CA LYS B 207 0.55 12.41 3.23
C LYS B 207 0.06 13.85 3.00
N SER B 208 1.02 14.74 2.78
CA SER B 208 0.74 16.15 2.53
C SER B 208 -0.30 16.32 1.41
N ARG B 209 -0.11 15.55 0.33
CA ARG B 209 -0.94 15.67 -0.85
C ARG B 209 -2.37 15.29 -0.54
N TRP B 210 -2.55 14.21 0.22
CA TRP B 210 -3.89 13.85 0.68
C TRP B 210 -4.54 14.92 1.53
N GLN B 211 -3.76 15.50 2.42
CA GLN B 211 -4.29 16.46 3.41
C GLN B 211 -4.72 17.77 2.77
N GLN B 212 -4.01 18.18 1.71
CA GLN B 212 -4.35 19.37 0.92
C GLN B 212 -5.77 19.34 0.36
N GLY B 213 -6.32 18.13 0.16
CA GLY B 213 -7.62 17.99 -0.47
C GLY B 213 -7.49 17.62 -1.95
N ASN B 214 -6.24 17.55 -2.41
CA ASN B 214 -5.93 17.15 -3.78
C ASN B 214 -6.80 16.01 -4.25
N VAL B 215 -7.33 16.13 -5.47
CA VAL B 215 -8.25 15.16 -6.03
C VAL B 215 -7.49 14.13 -6.86
N PHE B 216 -7.73 12.86 -6.55
CA PHE B 216 -7.09 11.76 -7.22
C PHE B 216 -8.17 10.95 -7.92
N SER B 217 -7.82 10.31 -9.03
CA SER B 217 -8.79 9.58 -9.81
C SER B 217 -8.32 8.16 -10.06
N CYS B 218 -9.23 7.22 -9.85
CA CYS B 218 -9.03 5.85 -10.22
C CYS B 218 -9.66 5.54 -11.61
N SER B 219 -8.83 5.10 -12.56
CA SER B 219 -9.32 4.85 -13.93
C SER B 219 -9.45 3.35 -14.16
N VAL B 220 -10.58 2.94 -14.73
CA VAL B 220 -10.79 1.52 -15.05
C VAL B 220 -11.21 1.28 -16.51
N MET B 221 -10.45 0.42 -17.19
CA MET B 221 -10.80 -0.03 -18.53
C MET B 221 -11.32 -1.44 -18.43
N HIS B 222 -12.45 -1.71 -19.11
CA HIS B 222 -13.09 -3.03 -19.11
C HIS B 222 -14.21 -3.06 -20.13
N GLU B 223 -14.45 -4.22 -20.75
CA GLU B 223 -15.36 -4.30 -21.90
C GLU B 223 -16.83 -3.96 -21.60
N ALA B 224 -17.29 -4.26 -20.39
CA ALA B 224 -18.71 -4.15 -20.01
C ALA B 224 -19.14 -2.77 -19.50
N LEU B 225 -18.18 -1.85 -19.39
CA LEU B 225 -18.46 -0.46 -19.04
C LEU B 225 -18.84 0.30 -20.27
N HIS B 226 -19.55 1.41 -20.07
CA HIS B 226 -19.83 2.31 -21.18
C HIS B 226 -18.58 2.99 -21.60
N ASN B 227 -18.28 2.86 -22.90
CA ASN B 227 -17.06 3.39 -23.51
C ASN B 227 -15.82 2.63 -23.08
N ALA B 228 -16.04 1.44 -22.50
CA ALA B 228 -14.97 0.59 -21.95
C ALA B 228 -14.13 1.32 -20.91
N TYR B 229 -14.71 2.32 -20.27
CA TYR B 229 -13.95 3.26 -19.45
C TYR B 229 -14.77 3.94 -18.37
N THR B 230 -14.13 4.19 -17.23
CA THR B 230 -14.75 4.86 -16.08
C THR B 230 -13.71 5.47 -15.14
N GLN B 231 -14.10 6.52 -14.45
CA GLN B 231 -13.19 7.34 -13.64
C GLN B 231 -13.88 7.78 -12.35
N LYS B 232 -13.47 7.19 -11.22
CA LYS B 232 -14.00 7.57 -9.90
C LYS B 232 -12.95 8.34 -9.09
N SER B 233 -13.34 9.51 -8.61
CA SER B 233 -12.42 10.40 -7.88
C SER B 233 -12.37 10.08 -6.38
N LEU B 234 -11.25 10.45 -5.76
CA LEU B 234 -11.05 10.24 -4.34
C LEU B 234 -10.33 11.45 -3.73
N SER B 235 -10.98 12.06 -2.74
CA SER B 235 -10.40 13.21 -2.04
C SER B 235 -10.94 13.27 -0.61
N LEU B 236 -10.54 14.31 0.13
CA LEU B 236 -10.83 14.44 1.58
C LEU B 236 -12.29 14.79 1.95
N ASP C 1 0.99 -12.12 28.50
CA ASP C 1 0.60 -11.68 27.15
C ASP C 1 0.39 -12.87 26.22
N CYS C 2 -0.86 -13.30 26.11
CA CYS C 2 -1.22 -14.33 25.17
C CYS C 2 -2.21 -13.80 24.13
N ALA C 3 -1.96 -14.10 22.86
CA ALA C 3 -2.96 -13.88 21.82
C ALA C 3 -3.70 -15.17 21.54
N TRP C 4 -5.01 -15.08 21.43
CA TRP C 4 -5.88 -16.21 21.09
C TRP C 4 -6.61 -15.93 19.81
N HIS C 5 -6.82 -16.98 19.02
CA HIS C 5 -7.56 -16.86 17.78
C HIS C 5 -8.67 -17.86 17.75
N LEU C 6 -9.90 -17.36 17.79
CA LEU C 6 -11.12 -18.19 17.86
C LEU C 6 -10.97 -19.33 18.87
N GLY C 7 -10.60 -18.97 20.10
CA GLY C 7 -10.42 -19.96 21.17
C GLY C 7 -9.15 -20.79 21.07
N GLU C 8 -8.41 -20.63 19.98
CA GLU C 8 -7.15 -21.36 19.80
C GLU C 8 -5.94 -20.50 20.15
N LEU C 9 -4.98 -21.11 20.84
CA LEU C 9 -3.85 -20.37 21.38
C LEU C 9 -2.77 -20.15 20.31
N VAL C 10 -2.47 -18.89 20.05
CA VAL C 10 -1.45 -18.51 19.08
C VAL C 10 -0.08 -18.42 19.74
N TRP C 11 0.08 -17.51 20.70
CA TRP C 11 1.41 -17.19 21.23
C TRP C 11 1.41 -16.38 22.51
N CYS C 12 2.32 -16.72 23.41
CA CYS C 12 2.47 -15.98 24.66
C CYS C 12 3.92 -15.51 24.76
N THR C 13 4.12 -14.30 25.25
CA THR C 13 5.48 -13.81 25.47
C THR C 13 5.99 -14.25 26.83
N LEU D 148 -10.05 55.29 28.18
CA LEU D 148 -10.74 53.97 28.03
C LEU D 148 -11.95 54.08 27.09
N VAL D 149 -11.68 54.46 25.84
CA VAL D 149 -12.72 54.59 24.79
C VAL D 149 -13.35 53.24 24.45
N LYS D 150 -14.57 53.02 24.96
CA LYS D 150 -15.28 51.74 24.77
C LYS D 150 -16.45 51.87 23.80
N GLY D 151 -16.24 51.43 22.56
CA GLY D 151 -17.26 51.53 21.50
C GLY D 151 -16.98 52.68 20.55
N PHE D 152 -16.76 52.35 19.27
CA PHE D 152 -16.37 53.34 18.26
C PHE D 152 -16.69 52.86 16.84
N LYS D 172 1.00 57.80 24.22
CA LYS D 172 0.59 57.35 22.90
C LYS D 172 -0.74 56.57 22.94
N THR D 173 -1.15 56.04 21.79
CA THR D 173 -2.48 55.41 21.64
C THR D 173 -2.46 54.15 20.77
N THR D 174 -3.19 53.14 21.21
CA THR D 174 -3.29 51.85 20.50
C THR D 174 -4.25 51.93 19.31
N PRO D 175 -4.03 51.10 18.28
CA PRO D 175 -5.01 51.02 17.18
C PRO D 175 -6.32 50.39 17.66
N PRO D 176 -7.42 50.59 16.91
CA PRO D 176 -8.71 49.97 17.23
C PRO D 176 -8.65 48.44 17.34
N VAL D 177 -9.40 47.90 18.30
CA VAL D 177 -9.48 46.46 18.53
C VAL D 177 -10.94 46.03 18.58
N LEU D 178 -11.32 45.14 17.67
CA LEU D 178 -12.71 44.69 17.56
C LEU D 178 -13.14 43.88 18.79
N LYS D 179 -14.31 44.22 19.34
CA LYS D 179 -14.92 43.46 20.43
C LYS D 179 -15.97 42.49 19.88
N SER D 180 -16.51 41.64 20.74
CA SER D 180 -17.46 40.60 20.32
C SER D 180 -18.93 41.02 20.46
N ASP D 181 -19.22 42.27 20.08
CA ASP D 181 -20.59 42.78 20.01
C ASP D 181 -20.82 43.58 18.72
N GLY D 182 -19.73 44.03 18.11
CA GLY D 182 -19.78 44.86 16.90
C GLY D 182 -18.80 46.02 16.96
N SER D 183 -18.71 46.63 18.14
CA SER D 183 -17.89 47.83 18.36
C SER D 183 -16.39 47.53 18.53
N PHE D 184 -15.57 48.54 18.24
CA PHE D 184 -14.10 48.46 18.40
C PHE D 184 -13.60 49.47 19.45
N PHE D 185 -12.50 49.15 20.12
CA PHE D 185 -11.99 50.00 21.21
C PHE D 185 -10.47 50.27 21.15
N LEU D 186 -10.04 51.35 21.80
CA LEU D 186 -8.61 51.66 21.95
C LEU D 186 -8.30 52.39 23.28
N TYR D 187 -7.03 52.74 23.48
CA TYR D 187 -6.60 53.55 24.64
C TYR D 187 -5.78 54.78 24.19
N PRO E 31 1.73 32.61 -6.94
CA PRO E 31 1.53 32.26 -5.54
C PRO E 31 2.47 33.01 -4.60
N SER E 32 1.89 33.58 -3.55
CA SER E 32 2.64 34.32 -2.52
C SER E 32 2.58 33.59 -1.17
N VAL E 33 3.66 33.71 -0.39
CA VAL E 33 3.81 32.97 0.86
C VAL E 33 4.06 33.87 2.08
N PHE E 34 3.31 33.64 3.15
CA PHE E 34 3.53 34.35 4.42
C PHE E 34 3.73 33.38 5.59
N LEU E 35 4.62 33.77 6.50
CA LEU E 35 4.97 32.93 7.64
C LEU E 35 4.67 33.62 8.96
N PHE E 36 3.93 32.93 9.82
CA PHE E 36 3.48 33.49 11.10
C PHE E 36 4.06 32.75 12.30
N PRO E 37 4.46 33.50 13.36
CA PRO E 37 4.97 32.91 14.59
C PRO E 37 3.83 32.35 15.44
N PRO E 38 4.14 31.43 16.39
CA PRO E 38 3.10 30.98 17.31
C PRO E 38 2.55 32.12 18.20
N LYS E 39 1.33 31.93 18.70
CA LYS E 39 0.78 32.80 19.73
C LYS E 39 1.62 32.65 21.00
N PRO E 40 2.04 33.77 21.62
CA PRO E 40 2.93 33.71 22.79
C PRO E 40 2.40 32.86 23.94
N LYS E 41 1.09 32.93 24.23
CA LYS E 41 0.48 32.07 25.26
C LYS E 41 0.84 30.60 25.05
N ASP E 42 0.85 30.18 23.79
CA ASP E 42 1.23 28.82 23.42
C ASP E 42 2.71 28.51 23.65
N THR E 43 3.58 29.51 23.40
CA THR E 43 5.02 29.32 23.60
C THR E 43 5.41 29.26 25.08
N LEU E 44 4.67 29.99 25.91
CA LEU E 44 5.06 30.18 27.32
C LEU E 44 4.45 29.15 28.26
N GLU E 45 3.33 28.56 27.89
CA GLU E 45 2.76 27.46 28.68
C GLU E 45 3.13 26.10 28.09
N ALA E 46 3.75 25.28 28.93
CA ALA E 46 4.27 23.98 28.57
C ALA E 46 3.22 23.01 28.01
N SER E 47 2.00 23.06 28.55
CA SER E 47 0.96 22.11 28.19
C SER E 47 0.22 22.52 26.91
N ARG E 48 0.60 23.65 26.35
CA ARG E 48 -0.01 24.17 25.14
C ARG E 48 0.85 23.91 23.88
N THR E 49 0.21 23.99 22.72
CA THR E 49 0.86 23.67 21.44
C THR E 49 1.20 24.91 20.59
N PRO E 50 2.48 25.33 20.62
CA PRO E 50 2.89 26.46 19.79
C PRO E 50 3.18 25.99 18.34
N GLU E 51 2.53 26.62 17.37
CA GLU E 51 2.78 26.28 15.98
C GLU E 51 3.03 27.50 15.10
N VAL E 52 4.14 27.44 14.35
CA VAL E 52 4.39 28.37 13.26
C VAL E 52 3.49 27.98 12.08
N THR E 53 3.03 28.98 11.34
CA THR E 53 2.09 28.73 10.23
C THR E 53 2.61 29.28 8.92
N CYS E 54 2.59 28.43 7.89
CA CYS E 54 2.98 28.83 6.54
C CYS E 54 1.74 28.92 5.65
N VAL E 55 1.45 30.11 5.14
CA VAL E 55 0.27 30.31 4.29
C VAL E 55 0.69 30.61 2.86
N VAL E 56 0.21 29.77 1.93
CA VAL E 56 0.44 29.98 0.51
C VAL E 56 -0.87 30.41 -0.11
N VAL E 57 -0.85 31.60 -0.70
CA VAL E 57 -2.03 32.21 -1.29
C VAL E 57 -1.83 32.38 -2.81
N ASP E 58 -2.91 32.63 -3.55
CA ASP E 58 -2.86 32.79 -5.01
C ASP E 58 -2.43 31.51 -5.71
N VAL E 59 -3.05 30.41 -5.31
CA VAL E 59 -2.76 29.09 -5.87
C VAL E 59 -3.88 28.76 -6.86
N SER E 60 -3.49 28.50 -8.11
CA SER E 60 -4.42 28.31 -9.23
C SER E 60 -5.20 27.00 -9.16
N HIS E 61 -6.24 26.89 -9.99
CA HIS E 61 -6.99 25.64 -10.17
C HIS E 61 -6.25 24.64 -11.04
N GLU E 62 -5.37 25.14 -11.91
CA GLU E 62 -4.63 24.30 -12.84
C GLU E 62 -3.50 23.52 -12.14
N ASP E 63 -2.64 24.25 -11.43
CA ASP E 63 -1.57 23.65 -10.63
C ASP E 63 -1.79 23.93 -9.13
N PRO E 64 -2.72 23.19 -8.48
CA PRO E 64 -3.15 23.51 -7.13
C PRO E 64 -2.35 22.81 -6.02
N GLU E 65 -1.44 21.91 -6.41
CA GLU E 65 -0.63 21.17 -5.45
C GLU E 65 0.47 22.06 -4.91
N VAL E 66 0.66 22.01 -3.59
CA VAL E 66 1.76 22.69 -2.90
C VAL E 66 2.60 21.65 -2.15
N LYS E 67 3.93 21.81 -2.18
CA LYS E 67 4.82 20.96 -1.41
C LYS E 67 5.56 21.82 -0.40
N PHE E 68 5.50 21.40 0.86
CA PHE E 68 6.13 22.14 1.95
C PHE E 68 7.37 21.45 2.47
N ASN E 69 8.43 22.24 2.67
CA ASN E 69 9.63 21.76 3.35
C ASN E 69 9.91 22.66 4.55
N TRP E 70 10.24 22.06 5.67
CA TRP E 70 10.37 22.78 6.95
C TRP E 70 11.73 22.60 7.58
N TYR E 71 12.36 23.71 7.97
CA TYR E 71 13.73 23.65 8.50
C TYR E 71 13.89 24.42 9.79
N VAL E 72 14.53 23.78 10.77
CA VAL E 72 14.82 24.37 12.07
C VAL E 72 16.34 24.56 12.18
N ASP E 73 16.79 25.80 11.96
CA ASP E 73 18.22 26.13 11.93
C ASP E 73 18.93 25.34 10.83
N GLY E 74 18.30 25.26 9.67
CA GLY E 74 18.86 24.56 8.52
C GLY E 74 18.56 23.07 8.47
N VAL E 75 18.48 22.43 9.64
CA VAL E 75 18.18 20.99 9.76
C VAL E 75 16.70 20.73 9.52
N GLU E 76 16.39 19.89 8.54
CA GLU E 76 15.02 19.64 8.13
C GLU E 76 14.23 18.87 9.19
N VAL E 77 12.91 19.12 9.22
CA VAL E 77 11.98 18.40 10.09
C VAL E 77 10.79 17.95 9.25
N HIS E 78 10.10 16.90 9.70
CA HIS E 78 9.07 16.21 8.91
C HIS E 78 7.75 16.12 9.60
N ASN E 79 7.54 16.91 10.64
CA ASN E 79 6.36 16.73 11.48
C ASN E 79 5.17 17.62 11.12
N ALA E 80 5.30 18.47 10.11
CA ALA E 80 4.22 19.42 9.76
C ALA E 80 2.89 18.75 9.41
N LYS E 81 1.78 19.47 9.67
CA LYS E 81 0.45 19.04 9.20
C LYS E 81 0.00 19.99 8.12
N THR E 82 -0.73 19.48 7.14
CA THR E 82 -1.22 20.30 6.05
C THR E 82 -2.74 20.47 6.14
N LYS E 83 -3.20 21.71 6.03
CA LYS E 83 -4.62 21.98 6.08
C LYS E 83 -5.26 21.73 4.71
N PRO E 84 -6.52 21.26 4.71
CA PRO E 84 -7.37 21.20 3.51
C PRO E 84 -7.46 22.56 2.82
N ARG E 85 -7.32 22.57 1.49
CA ARG E 85 -7.31 23.82 0.74
C ARG E 85 -8.67 24.51 0.70
N GLU E 86 -8.67 25.81 0.97
CA GLU E 86 -9.89 26.60 0.96
C GLU E 86 -9.97 27.38 -0.35
N GLU E 87 -11.17 27.43 -0.92
CA GLU E 87 -11.41 28.20 -2.14
C GLU E 87 -11.56 29.69 -1.81
N GLN E 88 -10.89 30.54 -2.60
CA GLN E 88 -11.01 31.99 -2.44
C GLN E 88 -12.04 32.62 -3.39
N TYR E 89 -12.12 33.95 -3.38
CA TYR E 89 -13.37 34.63 -3.75
C TYR E 89 -13.63 35.44 -5.04
N ASN E 90 -12.64 35.99 -5.77
CA ASN E 90 -11.18 35.70 -5.82
C ASN E 90 -10.76 34.46 -6.63
N SER E 91 -11.55 33.40 -6.50
CA SER E 91 -11.41 32.16 -7.29
C SER E 91 -10.00 31.55 -7.28
N THR E 92 -9.29 31.71 -6.17
CA THR E 92 -7.97 31.10 -5.99
C THR E 92 -7.99 30.07 -4.85
N TYR E 93 -6.83 29.47 -4.56
CA TYR E 93 -6.69 28.58 -3.42
C TYR E 93 -5.78 29.14 -2.34
N ARG E 94 -6.14 28.84 -1.09
CA ARG E 94 -5.30 29.09 0.07
C ARG E 94 -4.93 27.73 0.64
N VAL E 95 -3.64 27.46 0.73
CA VAL E 95 -3.12 26.18 1.27
C VAL E 95 -2.22 26.45 2.46
N VAL E 96 -2.55 25.85 3.60
CA VAL E 96 -1.88 26.16 4.86
C VAL E 96 -1.10 24.96 5.44
N SER E 97 0.12 25.23 5.90
CA SER E 97 0.95 24.23 6.54
C SER E 97 1.33 24.65 7.95
N VAL E 98 0.94 23.81 8.91
CA VAL E 98 1.11 24.07 10.33
C VAL E 98 2.25 23.20 10.88
N LEU E 99 3.33 23.85 11.33
CA LEU E 99 4.43 23.12 12.03
C LEU E 99 4.43 23.31 13.55
N THR E 100 4.30 22.19 14.28
CA THR E 100 4.51 22.17 15.72
C THR E 100 5.98 22.41 16.05
N VAL E 101 6.23 23.35 16.97
CA VAL E 101 7.58 23.64 17.43
C VAL E 101 7.78 23.29 18.91
N LEU E 102 9.03 23.12 19.30
CA LEU E 102 9.35 22.90 20.70
C LEU E 102 9.45 24.28 21.34
N HIS E 103 8.74 24.47 22.46
CA HIS E 103 8.71 25.76 23.19
C HIS E 103 10.09 26.33 23.36
N GLN E 104 11.03 25.49 23.81
CA GLN E 104 12.40 25.93 24.11
C GLN E 104 13.10 26.49 22.88
N ASP E 105 12.95 25.81 21.75
CA ASP E 105 13.63 26.18 20.51
C ASP E 105 13.23 27.57 20.07
N TRP E 106 11.94 27.86 20.11
CA TRP E 106 11.46 29.20 19.78
C TRP E 106 12.05 30.21 20.73
N LEU E 107 11.92 29.94 22.02
CA LEU E 107 12.39 30.85 23.06
C LEU E 107 13.90 31.07 23.01
N ASN E 108 14.65 30.07 22.57
CA ASN E 108 16.11 30.21 22.47
C ASN E 108 16.56 30.85 21.16
N GLY E 109 15.61 31.24 20.33
CA GLY E 109 15.90 31.98 19.09
C GLY E 109 16.37 31.16 17.89
N LYS E 110 15.79 29.98 17.70
CA LYS E 110 16.08 29.17 16.51
C LYS E 110 15.18 29.62 15.37
N GLU E 111 15.73 29.66 14.17
CA GLU E 111 14.99 30.16 13.01
C GLU E 111 14.23 29.05 12.29
N TYR E 112 12.98 29.31 11.92
CA TYR E 112 12.16 28.34 11.22
C TYR E 112 11.96 28.78 9.79
N LYS E 113 12.19 27.84 8.87
CA LYS E 113 12.13 28.13 7.45
C LYS E 113 11.05 27.31 6.78
N CYS E 114 10.19 28.00 6.03
CA CYS E 114 9.21 27.37 5.17
C CYS E 114 9.71 27.44 3.73
N LYS E 115 9.74 26.30 3.03
CA LYS E 115 10.12 26.27 1.62
C LYS E 115 8.94 25.76 0.82
N VAL E 116 8.44 26.62 -0.06
CA VAL E 116 7.23 26.31 -0.84
C VAL E 116 7.55 26.08 -2.31
N SER E 117 7.23 24.88 -2.81
CA SER E 117 7.37 24.53 -4.22
C SER E 117 6.01 24.41 -4.90
N ASN E 118 5.86 25.06 -6.05
CA ASN E 118 4.69 24.90 -6.93
C ASN E 118 5.09 24.87 -8.41
N LYS E 119 4.30 24.14 -9.21
CA LYS E 119 4.54 23.97 -10.65
C LYS E 119 4.71 25.34 -11.33
N ALA E 120 3.64 26.14 -11.33
CA ALA E 120 3.66 27.47 -11.94
C ALA E 120 4.38 28.49 -11.05
N LEU E 121 5.66 28.23 -10.79
CA LEU E 121 6.47 29.04 -9.89
C LEU E 121 7.96 28.86 -10.23
N PRO E 122 8.66 29.98 -10.51
CA PRO E 122 10.07 29.97 -10.91
C PRO E 122 10.97 29.06 -10.07
N ALA E 123 11.42 29.57 -8.92
CA ALA E 123 12.16 28.78 -7.94
C ALA E 123 11.35 28.76 -6.64
N PRO E 124 11.62 27.76 -5.75
CA PRO E 124 10.87 27.73 -4.50
C PRO E 124 11.10 28.96 -3.62
N ILE E 125 10.01 29.49 -3.06
CA ILE E 125 10.04 30.65 -2.17
C ILE E 125 10.42 30.20 -0.76
N GLU E 126 11.41 30.87 -0.18
CA GLU E 126 11.91 30.55 1.15
C GLU E 126 11.74 31.73 2.12
N LYS E 127 10.79 31.60 3.03
CA LYS E 127 10.57 32.60 4.08
C LYS E 127 11.07 32.08 5.44
N THR E 128 11.55 32.99 6.29
CA THR E 128 12.13 32.63 7.59
C THR E 128 11.67 33.55 8.71
N ILE E 129 11.22 32.94 9.81
CA ILE E 129 10.87 33.69 11.02
C ILE E 129 11.58 33.15 12.25
N SER E 130 11.60 33.98 13.29
CA SER E 130 12.12 33.61 14.60
C SER E 130 11.78 34.71 15.60
N LYS E 131 11.94 34.38 16.88
CA LYS E 131 11.76 35.34 17.96
C LYS E 131 12.64 36.54 17.69
N ALA E 132 12.05 37.73 17.85
CA ALA E 132 12.75 39.00 17.69
C ALA E 132 13.94 39.10 18.65
N LYS E 133 15.07 39.56 18.10
CA LYS E 133 16.33 39.70 18.86
C LYS E 133 16.37 40.99 19.69
N GLY E 134 17.43 41.14 20.49
CA GLY E 134 17.61 42.34 21.33
C GLY E 134 17.41 42.08 22.81
N GLN E 135 18.06 42.90 23.63
CA GLN E 135 18.07 42.71 25.09
C GLN E 135 16.66 42.78 25.72
N PRO E 136 16.18 41.63 26.25
CA PRO E 136 14.87 41.62 26.91
C PRO E 136 14.81 42.54 28.12
N ARG E 137 13.75 43.35 28.20
CA ARG E 137 13.49 44.24 29.33
C ARG E 137 12.23 43.81 30.08
N GLU E 138 12.20 44.03 31.39
CA GLU E 138 11.15 43.50 32.26
C GLU E 138 9.84 44.30 32.25
N PRO E 139 8.70 43.60 32.03
CA PRO E 139 7.37 44.23 32.03
C PRO E 139 6.84 44.55 33.43
N GLN E 140 6.62 45.83 33.72
CA GLN E 140 5.97 46.24 34.96
C GLN E 140 4.45 46.33 34.80
N VAL E 141 3.75 45.85 35.83
CA VAL E 141 2.31 45.65 35.79
C VAL E 141 1.64 46.52 36.84
N TYR E 142 0.63 47.28 36.40
CA TYR E 142 -0.13 48.15 37.29
C TYR E 142 -1.62 47.90 37.16
N THR E 143 -2.29 47.62 38.28
CA THR E 143 -3.75 47.41 38.29
C THR E 143 -4.50 48.68 38.69
N CYS E 160 -5.70 46.55 33.41
CA CYS E 160 -4.30 46.18 33.61
C CYS E 160 -3.39 46.96 32.67
N LEU E 161 -2.40 47.62 33.24
CA LEU E 161 -1.42 48.37 32.44
C LEU E 161 -0.04 47.68 32.51
N VAL E 162 0.27 46.93 31.46
CA VAL E 162 1.55 46.24 31.34
C VAL E 162 2.48 47.13 30.53
N LYS E 163 3.60 47.52 31.14
CA LYS E 163 4.49 48.51 30.52
C LYS E 163 5.96 48.16 30.69
N GLY E 164 6.72 48.43 29.63
CA GLY E 164 8.18 48.32 29.67
C GLY E 164 8.77 46.98 29.27
N PHE E 165 8.07 46.25 28.39
CA PHE E 165 8.58 44.95 27.95
C PHE E 165 9.19 44.92 26.55
N TYR E 166 10.23 44.10 26.41
CA TYR E 166 10.79 43.70 25.13
C TYR E 166 11.13 42.22 25.16
N PRO E 167 10.77 41.45 24.11
CA PRO E 167 9.98 41.83 22.92
C PRO E 167 8.46 41.78 23.11
N SER E 168 7.74 41.94 22.00
CA SER E 168 6.29 42.08 22.00
C SER E 168 5.53 40.80 22.36
N ASP E 169 6.20 39.66 22.26
CA ASP E 169 5.58 38.39 22.67
C ASP E 169 5.19 38.49 24.14
N ILE E 170 3.88 38.51 24.40
CA ILE E 170 3.36 38.56 25.77
C ILE E 170 1.97 37.93 25.89
N ALA E 171 1.59 37.55 27.10
CA ALA E 171 0.26 37.01 27.37
C ALA E 171 -0.31 37.62 28.65
N VAL E 172 -1.61 37.91 28.64
CA VAL E 172 -2.30 38.51 29.78
C VAL E 172 -3.63 37.80 30.04
N GLU E 173 -3.78 37.27 31.25
CA GLU E 173 -5.01 36.57 31.67
C GLU E 173 -5.64 37.24 32.90
N TRP E 174 -6.89 36.88 33.19
CA TRP E 174 -7.59 37.30 34.42
C TRP E 174 -8.10 36.09 35.16
N TYR E 184 -13.05 39.35 28.90
CA TYR E 184 -12.05 40.42 28.84
C TYR E 184 -11.47 40.60 27.43
N ASP E 185 -10.80 41.73 27.21
CA ASP E 185 -10.09 41.99 25.95
C ASP E 185 -8.80 42.78 26.17
N THR E 186 -7.78 42.45 25.36
CA THR E 186 -6.44 43.05 25.46
C THR E 186 -6.05 43.70 24.13
N THR E 187 -5.29 44.79 24.21
CA THR E 187 -4.78 45.49 23.03
C THR E 187 -3.46 44.86 22.56
N PRO E 188 -3.21 44.85 21.23
CA PRO E 188 -1.88 44.47 20.73
C PRO E 188 -0.79 45.43 21.19
N PRO E 189 0.41 44.90 21.53
CA PRO E 189 1.53 45.72 22.01
C PRO E 189 1.89 46.85 21.04
N VAL E 190 2.18 48.03 21.58
CA VAL E 190 2.50 49.21 20.77
C VAL E 190 3.90 49.75 21.10
N LEU E 191 4.71 49.96 20.06
CA LEU E 191 6.12 50.33 20.20
C LEU E 191 6.34 51.79 20.60
N ASP E 192 6.72 52.00 21.86
CA ASP E 192 7.12 53.33 22.37
C ASP E 192 8.41 53.81 21.70
N SER E 193 8.62 55.13 21.71
CA SER E 193 9.81 55.74 21.12
C SER E 193 11.06 55.51 21.99
N ASP E 194 10.88 55.01 23.20
CA ASP E 194 12.00 54.68 24.09
C ASP E 194 12.44 53.20 23.99
N GLY E 195 11.81 52.44 23.08
CA GLY E 195 12.24 51.08 22.75
C GLY E 195 11.27 49.97 23.09
N SER E 196 10.70 50.05 24.29
CA SER E 196 9.85 49.01 24.85
C SER E 196 8.45 48.93 24.20
N PHE E 197 7.63 48.02 24.70
CA PHE E 197 6.23 47.90 24.29
C PHE E 197 5.33 48.07 25.51
N PHE E 198 4.05 48.39 25.26
CA PHE E 198 3.04 48.48 26.31
C PHE E 198 1.70 47.92 25.83
N LEU E 199 0.84 47.55 26.78
CA LEU E 199 -0.49 47.02 26.47
C LEU E 199 -1.49 47.37 27.58
N TYR E 200 -2.78 47.21 27.30
CA TYR E 200 -3.82 47.44 28.30
C TYR E 200 -4.74 46.23 28.53
N SER E 217 -7.26 38.28 39.66
CA SER E 217 -6.69 39.53 39.16
C SER E 217 -5.91 39.34 37.84
N CYS E 218 -5.05 40.31 37.51
CA CYS E 218 -4.31 40.33 36.25
C CYS E 218 -3.02 39.48 36.30
N SER E 219 -2.93 38.48 35.42
CA SER E 219 -1.73 37.64 35.29
C SER E 219 -0.97 37.90 34.00
N VAL E 220 0.35 38.03 34.11
CA VAL E 220 1.19 38.33 32.94
C VAL E 220 2.37 37.35 32.78
N MET E 221 2.42 36.72 31.61
CA MET E 221 3.53 35.83 31.21
C MET E 221 4.44 36.50 30.18
N HIS E 222 5.75 36.50 30.46
CA HIS E 222 6.75 37.15 29.60
C HIS E 222 8.10 36.65 29.99
N GLU E 223 9.02 36.56 29.03
CA GLU E 223 10.32 35.95 29.27
C GLU E 223 11.24 36.73 30.23
N ALA E 224 11.01 38.03 30.36
CA ALA E 224 11.87 38.89 31.17
C ALA E 224 11.55 38.81 32.65
N LEU E 225 10.38 38.26 32.97
CA LEU E 225 10.00 37.97 34.35
C LEU E 225 10.66 36.68 34.81
N HIS E 226 11.11 36.66 36.06
CA HIS E 226 11.60 35.44 36.69
C HIS E 226 10.48 34.42 36.69
N ASN E 227 10.80 33.21 36.25
CA ASN E 227 9.80 32.13 36.04
C ASN E 227 8.69 32.53 35.04
N ALA E 228 8.94 33.60 34.30
CA ALA E 228 8.04 34.11 33.25
C ALA E 228 6.59 34.36 33.72
N TYR E 229 6.44 34.94 34.90
CA TYR E 229 5.14 35.13 35.55
C TYR E 229 5.21 36.20 36.64
N THR E 230 4.08 36.88 36.88
CA THR E 230 3.98 37.85 37.99
C THR E 230 2.53 38.21 38.39
C1 NAG F . 5.91 -40.02 -12.23
C2 NAG F . 6.79 -38.94 -12.86
C3 NAG F . 7.22 -37.92 -11.79
C4 NAG F . 6.01 -37.37 -11.03
C5 NAG F . 5.06 -38.48 -10.59
C6 NAG F . 3.82 -37.73 -10.10
C7 NAG F . 8.13 -39.56 -14.79
C8 NAG F . 9.42 -40.17 -15.29
N2 NAG F . 7.97 -39.51 -13.47
O3 NAG F . 7.92 -36.85 -12.37
O4 NAG F . 6.43 -36.70 -9.86
O5 NAG F . 4.77 -39.41 -11.62
O6 NAG F . 2.66 -38.49 -10.29
O7 NAG F . 7.29 -39.16 -15.58
C1 NAG F . 6.52 -35.30 -10.09
C2 NAG F . 6.14 -34.57 -8.80
C3 NAG F . 6.35 -33.07 -8.96
C4 NAG F . 7.77 -32.75 -9.48
C5 NAG F . 8.07 -33.62 -10.71
C6 NAG F . 9.51 -33.50 -11.20
C7 NAG F . 4.37 -35.47 -7.32
C8 NAG F . 2.89 -35.63 -7.12
N2 NAG F . 4.76 -34.84 -8.42
O3 NAG F . 6.13 -32.48 -7.70
O4 NAG F . 7.85 -31.39 -9.87
O5 NAG F . 7.84 -35.00 -10.49
O6 NAG F . 9.58 -34.02 -12.51
O7 NAG F . 5.14 -35.91 -6.46
C1 BMA F . 8.24 -30.48 -8.81
C2 BMA F . 8.92 -29.26 -9.46
C3 BMA F . 9.21 -28.17 -8.44
C4 BMA F . 7.95 -27.79 -7.67
C5 BMA F . 7.35 -29.04 -7.02
C6 BMA F . 6.03 -28.71 -6.32
O2 BMA F . 8.09 -28.71 -10.49
O3 BMA F . 9.77 -27.00 -9.08
O4 BMA F . 8.32 -26.84 -6.66
O5 BMA F . 7.13 -30.06 -7.99
O6 BMA F . 5.38 -29.93 -5.99
C1 MAN F . 4.26 -29.68 -5.13
C2 MAN F . 3.88 -30.95 -4.33
C3 MAN F . 3.26 -31.95 -5.30
C4 MAN F . 2.05 -31.33 -6.00
C5 MAN F . 2.42 -30.01 -6.69
C6 MAN F . 1.16 -29.29 -7.14
O2 MAN F . 2.87 -30.71 -3.36
O3 MAN F . 2.87 -33.11 -4.59
O4 MAN F . 1.51 -32.22 -6.96
O5 MAN F . 3.16 -29.13 -5.84
O6 MAN F . 1.57 -28.10 -7.77
C1 NAG F . 3.29 -30.18 -2.09
C2 NAG F . 2.11 -29.43 -1.51
C3 NAG F . 2.37 -28.94 -0.08
C4 NAG F . 3.02 -30.00 0.83
C5 NAG F . 4.18 -30.63 0.05
C6 NAG F . 4.89 -31.75 0.76
C7 NAG F . 0.75 -28.24 -3.20
C8 NAG F . 0.68 -27.03 -4.09
N2 NAG F . 1.84 -28.33 -2.42
O3 NAG F . 1.16 -28.55 0.53
O4 NAG F . 3.38 -29.36 2.05
O5 NAG F . 3.68 -31.17 -1.15
O6 NAG F . 3.96 -32.73 1.10
O7 NAG F . -0.17 -29.07 -3.20
C1 GAL F . 3.44 -30.21 3.23
C2 GAL F . 3.93 -29.47 4.48
C3 GAL F . 3.39 -30.12 5.76
C4 GAL F . 1.87 -30.22 5.74
C5 GAL F . 1.38 -31.03 4.52
C6 GAL F . -0.01 -30.61 4.04
O2 GAL F . 5.35 -29.49 4.55
O3 GAL F . 3.83 -29.40 6.89
O4 GAL F . 1.29 -28.93 5.78
O5 GAL F . 2.30 -31.07 3.42
O6 GAL F . -0.74 -31.76 3.66
C1 MAN F . 11.17 -26.88 -8.74
C2 MAN F . 11.70 -25.50 -9.13
C3 MAN F . 11.52 -25.34 -10.63
C4 MAN F . 12.24 -26.46 -11.39
C5 MAN F . 11.93 -27.84 -10.79
C6 MAN F . 12.84 -28.97 -11.31
O2 MAN F . 13.07 -25.39 -8.78
O3 MAN F . 12.00 -24.08 -11.04
O4 MAN F . 11.81 -26.42 -12.73
O5 MAN F . 12.00 -27.85 -9.37
O6 MAN F . 12.04 -30.07 -11.69
C1 FUC F . 1.83 -37.77 -11.20
C2 FUC F . 0.68 -38.67 -11.63
C3 FUC F . -0.18 -37.98 -12.67
C4 FUC F . -0.50 -36.52 -12.28
C5 FUC F . 0.68 -35.74 -11.67
C6 FUC F . 1.63 -35.15 -12.74
O2 FUC F . -0.10 -39.04 -10.51
O3 FUC F . 0.53 -38.05 -13.88
O4 FUC F . -1.05 -35.81 -13.37
O5 FUC F . 1.37 -36.52 -10.70
C1 NAG G . 15.10 -25.01 -23.29
C2 NAG G . 14.07 -25.86 -22.53
C3 NAG G . 12.67 -25.35 -22.77
C4 NAG G . 12.55 -23.86 -22.44
C5 NAG G . 13.62 -23.11 -23.25
C6 NAG G . 13.66 -21.59 -23.07
C7 NAG G . 14.86 -28.15 -22.31
C8 NAG G . 14.86 -29.54 -22.87
N2 NAG G . 14.16 -27.24 -22.96
O3 NAG G . 11.75 -26.14 -22.04
O4 NAG G . 11.27 -23.39 -22.82
O5 NAG G . 14.91 -23.63 -22.97
O6 NAG G . 13.50 -21.25 -21.70
O7 NAG G . 15.50 -27.88 -21.30
C1 NAG G . 10.27 -23.46 -21.77
C2 NAG G . 9.29 -22.33 -21.98
C3 NAG G . 8.21 -22.40 -20.90
C4 NAG G . 7.51 -23.75 -20.91
C5 NAG G . 8.58 -24.84 -20.78
C6 NAG G . 7.95 -26.22 -20.95
C7 NAG G . 10.14 -20.22 -22.91
C8 NAG G . 10.95 -18.96 -22.66
N2 NAG G . 10.02 -21.08 -21.91
O3 NAG G . 7.26 -21.38 -21.09
O4 NAG G . 6.64 -23.88 -19.80
O5 NAG G . 9.64 -24.73 -21.73
O6 NAG G . 8.91 -27.14 -20.48
O7 NAG G . 9.63 -20.39 -24.02
C1 BMA G . 5.31 -23.34 -19.95
C2 BMA G . 4.37 -24.19 -19.11
C3 BMA G . 2.95 -23.61 -19.03
C4 BMA G . 2.97 -22.12 -18.68
C5 BMA G . 3.93 -21.41 -19.60
C6 BMA G . 3.96 -19.94 -19.28
O2 BMA G . 4.96 -24.32 -17.79
O3 BMA G . 2.10 -24.25 -18.06
O4 BMA G . 1.67 -21.55 -18.86
O5 BMA G . 5.23 -21.99 -19.50
O6 BMA G . 5.06 -19.41 -20.00
C1 MAN G . 5.17 -18.03 -19.67
C2 MAN G . 6.03 -17.34 -20.73
C3 MAN G . 7.49 -17.69 -20.55
C4 MAN G . 7.94 -17.41 -19.11
C5 MAN G . 7.01 -18.12 -18.12
C6 MAN G . 7.30 -17.74 -16.67
O2 MAN G . 5.94 -15.95 -20.58
O3 MAN G . 8.20 -16.90 -21.46
O4 MAN G . 9.27 -17.86 -18.93
O5 MAN G . 5.66 -17.80 -18.37
O6 MAN G . 6.47 -18.51 -15.84
C1 NAG G . 4.88 -15.37 -21.36
C2 NAG G . 4.62 -13.98 -20.81
C3 NAG G . 3.59 -13.23 -21.63
C4 NAG G . 3.85 -13.35 -23.13
C5 NAG G . 4.22 -14.77 -23.57
C6 NAG G . 4.83 -14.81 -24.97
C7 NAG G . 5.01 -13.82 -18.43
C8 NAG G . 4.45 -14.04 -17.05
N2 NAG G . 4.18 -14.12 -19.44
O3 NAG G . 3.64 -11.86 -21.26
O4 NAG G . 2.69 -12.94 -23.80
O5 NAG G . 5.23 -15.29 -22.73
O6 NAG G . 5.78 -13.78 -25.09
O7 NAG G . 6.15 -13.38 -18.59
C1 GAL G . 3.04 -11.93 -24.76
C2 GAL G . 1.75 -11.39 -25.37
C3 GAL G . 2.01 -10.20 -26.29
C4 GAL G . 2.97 -9.19 -25.67
C5 GAL G . 4.22 -9.90 -25.16
C6 GAL G . 5.19 -8.93 -24.50
O2 GAL G . 1.13 -12.40 -26.12
O3 GAL G . 0.76 -9.61 -26.55
O4 GAL G . 2.35 -8.54 -24.59
O5 GAL G . 3.84 -10.88 -24.22
O6 GAL G . 6.45 -9.56 -24.39
C1 MAN G . 1.71 -25.56 -18.51
C2 MAN G . 0.24 -25.74 -18.13
C3 MAN G . 0.06 -26.63 -16.91
C4 MAN G . 0.86 -27.94 -16.95
C5 MAN G . 2.13 -27.89 -17.82
C6 MAN G . 1.95 -28.63 -19.16
O2 MAN G . -0.48 -26.25 -19.23
O3 MAN G . -1.32 -26.94 -16.82
O4 MAN G . 1.26 -28.27 -15.64
O5 MAN G . 2.59 -26.56 -18.00
O6 MAN G . 3.04 -28.35 -20.01
C1 FUC G . 14.40 -20.20 -21.23
C2 FUC G . 14.03 -19.86 -19.79
C3 FUC G . 14.22 -21.10 -18.92
C4 FUC G . 15.66 -21.63 -19.02
C5 FUC G . 16.04 -21.76 -20.49
C6 FUC G . 17.51 -22.11 -20.68
O2 FUC G . 12.70 -19.40 -19.69
O3 FUC G . 13.91 -20.81 -17.59
O4 FUC G . 16.52 -20.72 -18.39
O5 FUC G . 15.78 -20.57 -21.21
C1 NAG H . -7.91 36.38 -3.02
C2 NAG H . -6.69 37.28 -3.20
C3 NAG H . -5.59 36.85 -2.22
C4 NAG H . -6.09 37.06 -0.80
C5 NAG H . -7.38 36.24 -0.59
C6 NAG H . -8.05 36.68 0.72
C7 NAG H . -6.10 38.43 -5.29
C8 NAG H . -5.57 38.30 -6.68
N2 NAG H . -6.19 37.29 -4.57
O3 NAG H . -4.38 37.55 -2.42
O4 NAG H . -5.11 36.60 0.09
O5 NAG H . -8.33 36.30 -1.65
O6 NAG H . -9.44 36.84 0.60
O7 NAG H . -6.44 39.53 -4.86
C1 NAG H . -4.49 37.64 0.89
C2 NAG H . -4.18 37.11 2.29
C3 NAG H . -3.46 38.15 3.15
C4 NAG H . -2.27 38.76 2.42
C5 NAG H . -2.62 39.13 0.96
C6 NAG H . -1.40 39.58 0.17
C7 NAG H . -5.41 35.47 3.65
C8 NAG H . -6.71 35.10 4.30
N2 NAG H . -5.37 36.62 2.97
O3 NAG H . -3.06 37.54 4.36
O4 NAG H . -1.85 39.95 3.07
O5 NAG H . -3.29 38.07 0.28
O6 NAG H . -1.19 38.74 -0.96
O7 NAG H . -4.44 34.71 3.76
C1 BMA H . -0.77 39.76 4.00
C2 BMA H . 0.29 40.85 3.81
C3 BMA H . 1.33 40.95 4.93
C4 BMA H . 0.77 40.61 6.33
C5 BMA H . -0.33 39.56 6.36
C6 BMA H . -1.09 39.53 7.69
O2 BMA H . -0.37 42.12 3.70
O3 BMA H . 1.87 42.28 4.90
O4 BMA H . 1.86 40.16 7.16
O5 BMA H . -1.29 39.78 5.33
O6 BMA H . -2.16 38.58 7.55
C1 MAN H . -2.71 38.23 8.82
C2 MAN H . -3.25 36.79 8.81
C3 MAN H . -4.39 36.72 7.79
C4 MAN H . -5.49 37.73 8.17
C5 MAN H . -4.91 39.13 8.42
C6 MAN H . -5.95 40.04 9.07
O2 MAN H . -3.81 36.46 10.07
O3 MAN H . -4.91 35.40 7.78
O4 MAN H . -6.49 37.77 7.17
O5 MAN H . -3.74 39.11 9.24
O6 MAN H . -5.42 41.34 9.16
C1 NAG H . -3.04 35.50 10.82
C2 NAG H . -3.38 35.68 12.30
C3 NAG H . -2.95 34.53 13.22
C4 NAG H . -2.67 33.18 12.55
C5 NAG H . -2.37 33.26 11.05
C6 NAG H . -2.43 31.90 10.36
C7 NAG H . -3.38 38.08 12.85
C8 NAG H . -2.58 39.23 13.38
N2 NAG H . -2.75 36.90 12.78
O3 NAG H . -3.95 34.36 14.19
O4 NAG H . -1.59 32.56 13.23
O5 NAG H . -3.28 34.16 10.43
O6 NAG H . -3.77 31.50 10.18
O7 NAG H . -4.56 38.23 12.51
C1 GAL H . -2.03 31.38 13.95
C2 GAL H . -0.92 30.81 14.85
C3 GAL H . -1.41 29.51 15.50
C4 GAL H . -2.78 29.69 16.17
C5 GAL H . -3.76 30.39 15.22
C6 GAL H . -5.11 30.67 15.87
O2 GAL H . 0.28 30.55 14.15
O3 GAL H . -0.42 29.09 16.42
O4 GAL H . -2.70 30.41 17.39
O5 GAL H . -3.19 31.60 14.75
O6 GAL H . -6.10 29.97 15.15
C1 MAN H . 3.32 42.33 5.02
C2 MAN H . 3.75 43.73 5.47
C3 MAN H . 5.27 43.77 5.76
C4 MAN H . 5.98 42.53 5.22
C5 MAN H . 5.43 42.07 3.86
C6 MAN H . 6.01 40.73 3.44
O2 MAN H . 3.03 44.15 6.60
O3 MAN H . 5.52 43.87 7.14
O4 MAN H . 7.35 42.81 5.14
O5 MAN H . 4.00 42.00 3.81
O6 MAN H . 6.27 40.74 2.06
#